data_8RKY
#
_entry.id   8RKY
#
_cell.length_a   182.631
_cell.length_b   118.950
_cell.length_c   57.702
_cell.angle_alpha   90.000
_cell.angle_beta   92.073
_cell.angle_gamma   90.000
#
_symmetry.space_group_name_H-M   'C 1 2 1'
#
loop_
_entity.id
_entity.type
_entity.pdbx_description
1 polymer 'Albicidin resistance protein'
2 non-polymer 'ethyl 4-[[5-[[4-[4-[[(6~{a}~{S})-2-methoxy-11-oxidanylidene-6~{a},7,8,9-tetrahydropyrrolo[2,1-c][1,4]benzodiazepin-3-yl]oxy]butanoylamino]-1-methyl-pyrrol-2-yl]carbonylamino]-1-benzothiophen-2-yl]carbonylamino]-1-methyl-imidazole-2-carboxylate'
3 non-polymer '~{S}-[(2~{S},3~{S})-2,3-bis(oxidanyl)-4-sulfanyl-butyl] 4-[[5-[[4-[4-[[(6~{a}~{S})-2-methoxy-11-oxidanylidene-6~{a},7,8,9-tetrahydropyrrolo[2,1-c][1,4]benzodiazepin-3-yl]oxy]butanoylamino]-1-methyl-pyrrol-2-yl]carbonylamino]-1-benzothiophen-2-yl]carbonylamino]-1-methyl-imidazole-2-carbothioate'
4 non-polymer (2S,3S)-1,4-DIMERCAPTOBUTANE-2,3-DIOL
5 water water
#
_entity_poly.entity_id   1
_entity_poly.type   'polypeptide(L)'
_entity_poly.pdbx_seq_one_letter_code
;GMYDRWFSQQELQVLPFAEQDEQRNQTWLELVGEAQQLMGERCPADEPRAIALATRWMEQLEQDTAGRPEFLTRLNEMHA
AEPQMREQTGVTPEMIDFITRAFAESKLAIWARYLNAEELAFTRQHYFDRLMEWPALVADLHRACREKRDPASPEGQQLA
QRWLALFQSYAGKDAQTQQKFRYAMEQEPHLMKGTWMTSEVLSWLQQAIGVMMRQAQGPAAEGS
;
_entity_poly.pdbx_strand_id   BBB,CCC,AAA
#
# COMPACT_ATOMS: atom_id res chain seq x y z
N GLY A 1 28.68 -23.30 -30.11
CA GLY A 1 27.39 -23.18 -29.36
C GLY A 1 26.77 -21.81 -29.55
N MET A 2 25.44 -21.75 -29.71
CA MET A 2 24.68 -20.47 -29.87
C MET A 2 24.96 -19.54 -28.69
N TYR A 3 24.77 -20.03 -27.46
CA TYR A 3 24.93 -19.24 -26.20
C TYR A 3 26.39 -18.77 -26.06
N ASP A 4 27.34 -19.52 -26.62
CA ASP A 4 28.80 -19.21 -26.53
C ASP A 4 29.15 -18.05 -27.48
N ARG A 5 28.50 -17.96 -28.64
CA ARG A 5 28.72 -16.88 -29.63
C ARG A 5 28.07 -15.57 -29.14
N TRP A 6 27.11 -15.64 -28.22
CA TRP A 6 26.24 -14.48 -27.82
C TRP A 6 26.61 -13.92 -26.44
N PHE A 7 27.17 -14.74 -25.55
CA PHE A 7 27.54 -14.35 -24.16
C PHE A 7 28.99 -14.73 -23.89
N SER A 8 29.67 -13.97 -23.03
CA SER A 8 31.01 -14.30 -22.49
C SER A 8 30.86 -15.42 -21.46
N GLN A 9 31.95 -16.10 -21.12
CA GLN A 9 31.93 -17.23 -20.15
C GLN A 9 31.52 -16.68 -18.77
N GLN A 10 31.98 -15.49 -18.42
CA GLN A 10 31.64 -14.80 -17.14
C GLN A 10 30.12 -14.56 -17.07
N GLU A 11 29.50 -14.18 -18.19
CA GLU A 11 28.04 -13.93 -18.29
C GLU A 11 27.27 -15.25 -18.21
N LEU A 12 27.77 -16.32 -18.85
CA LEU A 12 27.11 -17.65 -18.89
C LEU A 12 27.07 -18.27 -17.48
N GLN A 13 27.97 -17.87 -16.58
CA GLN A 13 27.99 -18.30 -15.16
C GLN A 13 26.82 -17.66 -14.38
N VAL A 14 26.43 -16.45 -14.76
CA VAL A 14 25.45 -15.59 -14.03
C VAL A 14 24.07 -15.71 -14.66
N LEU A 15 23.98 -16.12 -15.94
CA LEU A 15 22.73 -16.18 -16.73
C LEU A 15 21.93 -17.41 -16.34
N PRO A 16 20.80 -17.27 -15.61
CA PRO A 16 19.96 -18.42 -15.26
C PRO A 16 19.54 -19.28 -16.45
N PHE A 17 19.34 -18.70 -17.64
CA PHE A 17 18.89 -19.45 -18.84
C PHE A 17 19.93 -20.49 -19.27
N ALA A 18 21.20 -20.30 -18.88
CA ALA A 18 22.33 -21.20 -19.21
C ALA A 18 22.20 -22.53 -18.44
N GLU A 19 21.88 -22.45 -17.15
CA GLU A 19 21.59 -23.55 -16.19
C GLU A 19 20.39 -24.38 -16.68
N GLN A 20 20.50 -25.72 -16.58
CA GLN A 20 19.36 -26.66 -16.71
C GLN A 20 18.38 -26.40 -15.54
N ASP A 21 17.07 -26.39 -15.80
CA ASP A 21 16.02 -26.09 -14.78
C ASP A 21 14.67 -26.51 -15.36
N GLU A 22 14.17 -27.67 -14.95
CA GLU A 22 12.95 -28.29 -15.50
C GLU A 22 11.73 -27.44 -15.14
N GLN A 23 11.70 -26.85 -13.94
CA GLN A 23 10.61 -25.97 -13.45
C GLN A 23 10.50 -24.76 -14.41
N ARG A 24 11.62 -24.09 -14.68
CA ARG A 24 11.69 -22.90 -15.56
C ARG A 24 11.19 -23.27 -16.97
N ASN A 25 11.56 -24.44 -17.50
CA ASN A 25 11.14 -24.87 -18.86
C ASN A 25 9.62 -25.08 -18.89
N GLN A 26 9.06 -25.64 -17.82
CA GLN A 26 7.61 -25.92 -17.72
C GLN A 26 6.85 -24.59 -17.64
N THR A 27 7.36 -23.64 -16.86
CA THR A 27 6.81 -22.25 -16.76
C THR A 27 6.75 -21.62 -18.16
N TRP A 28 7.82 -21.73 -18.95
CA TRP A 28 7.89 -21.10 -20.31
C TRP A 28 6.99 -21.86 -21.28
N LEU A 29 6.82 -23.17 -21.11
CA LEU A 29 5.86 -23.98 -21.92
C LEU A 29 4.46 -23.41 -21.71
N GLU A 30 4.11 -23.09 -20.46
CA GLU A 30 2.76 -22.56 -20.10
C GLU A 30 2.63 -21.12 -20.62
N LEU A 31 3.62 -20.26 -20.39
CA LEU A 31 3.60 -18.83 -20.85
C LEU A 31 3.38 -18.80 -22.38
N VAL A 32 4.18 -19.56 -23.12
CA VAL A 32 4.13 -19.58 -24.61
C VAL A 32 2.79 -20.18 -25.06
N GLY A 33 2.34 -21.24 -24.41
CA GLY A 33 1.03 -21.87 -24.69
C GLY A 33 -0.11 -20.89 -24.56
N GLU A 34 -0.11 -20.08 -23.50
CA GLU A 34 -1.19 -19.07 -23.23
C GLU A 34 -1.10 -17.95 -24.26
N ALA A 35 0.12 -17.52 -24.64
CA ALA A 35 0.34 -16.50 -25.69
C ALA A 35 -0.28 -16.99 -27.01
N GLN A 36 0.01 -18.24 -27.41
CA GLN A 36 -0.49 -18.85 -28.67
C GLN A 36 -2.01 -18.88 -28.64
N GLN A 37 -2.57 -19.28 -27.50
CA GLN A 37 -4.04 -19.33 -27.28
C GLN A 37 -4.63 -17.95 -27.58
N LEU A 38 -4.19 -16.94 -26.83
CA LEU A 38 -4.76 -15.56 -26.89
C LEU A 38 -4.61 -15.00 -28.30
N MET A 39 -3.45 -15.20 -28.94
CA MET A 39 -3.20 -14.71 -30.31
C MET A 39 -4.11 -15.45 -31.30
N GLY A 40 -4.28 -16.77 -31.11
CA GLY A 40 -5.23 -17.61 -31.89
C GLY A 40 -6.66 -17.09 -31.83
N GLU A 41 -7.10 -16.63 -30.65
CA GLU A 41 -8.44 -16.02 -30.43
C GLU A 41 -8.48 -14.58 -30.97
N ARG A 42 -7.35 -14.05 -31.47
CA ARG A 42 -7.19 -12.62 -31.86
C ARG A 42 -7.58 -11.72 -30.68
N CYS A 43 -7.15 -12.10 -29.47
CA CYS A 43 -7.42 -11.38 -28.19
C CYS A 43 -6.74 -10.02 -28.25
N PRO A 44 -7.46 -8.90 -28.04
CA PRO A 44 -6.83 -7.58 -27.99
C PRO A 44 -5.84 -7.47 -26.81
N ALA A 45 -4.82 -6.64 -26.98
CA ALA A 45 -3.72 -6.45 -26.01
C ALA A 45 -4.25 -5.90 -24.67
N ASP A 46 -5.41 -5.23 -24.63
CA ASP A 46 -5.95 -4.63 -23.38
C ASP A 46 -6.94 -5.56 -22.68
N GLU A 47 -7.14 -6.78 -23.18
CA GLU A 47 -7.98 -7.81 -22.54
C GLU A 47 -7.33 -8.21 -21.22
N PRO A 48 -8.09 -8.39 -20.12
CA PRO A 48 -7.50 -8.78 -18.84
C PRO A 48 -6.54 -9.98 -18.89
N ARG A 49 -6.83 -11.01 -19.68
CA ARG A 49 -5.97 -12.21 -19.82
C ARG A 49 -4.64 -11.83 -20.47
N ALA A 50 -4.64 -10.90 -21.42
CA ALA A 50 -3.43 -10.47 -22.15
C ALA A 50 -2.53 -9.67 -21.19
N ILE A 51 -3.14 -8.76 -20.44
CA ILE A 51 -2.46 -7.90 -19.43
C ILE A 51 -1.84 -8.80 -18.35
N ALA A 52 -2.62 -9.74 -17.79
CA ALA A 52 -2.14 -10.66 -16.75
C ALA A 52 -0.96 -11.47 -17.29
N LEU A 53 -1.07 -12.04 -18.49
CA LEU A 53 -0.01 -12.85 -19.12
C LEU A 53 1.27 -12.03 -19.26
N ALA A 54 1.18 -10.85 -19.87
CA ALA A 54 2.35 -9.97 -20.12
C ALA A 54 3.08 -9.69 -18.81
N THR A 55 2.34 -9.42 -17.72
CA THR A 55 2.93 -9.11 -16.39
C THR A 55 3.75 -10.31 -15.91
N ARG A 56 3.15 -11.50 -15.88
CA ARG A 56 3.82 -12.76 -15.43
C ARG A 56 5.02 -13.02 -16.33
N TRP A 57 4.84 -12.89 -17.63
CA TRP A 57 5.88 -13.10 -18.68
C TRP A 57 7.10 -12.23 -18.34
N MET A 58 6.90 -10.93 -18.17
CA MET A 58 8.00 -9.97 -17.95
C MET A 58 8.65 -10.24 -16.58
N GLU A 59 7.86 -10.60 -15.56
CA GLU A 59 8.42 -11.00 -14.22
C GLU A 59 9.30 -12.25 -14.38
N GLN A 60 8.89 -13.21 -15.21
CA GLN A 60 9.67 -14.45 -15.46
C GLN A 60 10.99 -14.06 -16.12
N LEU A 61 10.95 -13.19 -17.14
CA LEU A 61 12.15 -12.71 -17.89
C LEU A 61 13.11 -12.01 -16.92
N GLU A 62 12.59 -11.24 -15.97
CA GLU A 62 13.35 -10.50 -14.94
C GLU A 62 14.15 -11.50 -14.09
N GLN A 63 13.51 -12.59 -13.68
CA GLN A 63 14.12 -13.69 -12.88
C GLN A 63 15.18 -14.39 -13.73
N ASP A 64 14.84 -14.76 -14.97
CA ASP A 64 15.64 -15.64 -15.85
C ASP A 64 16.81 -14.89 -16.51
N THR A 65 16.89 -13.57 -16.35
CA THR A 65 18.04 -12.71 -16.76
C THR A 65 18.81 -12.26 -15.52
N ALA A 66 18.41 -12.73 -14.33
CA ALA A 66 19.02 -12.38 -13.01
C ALA A 66 19.00 -10.85 -12.81
N GLY A 67 17.93 -10.19 -13.25
CA GLY A 67 17.73 -8.74 -13.11
C GLY A 67 18.75 -7.91 -13.88
N ARG A 68 19.40 -8.49 -14.89
CA ARG A 68 20.40 -7.78 -15.74
C ARG A 68 19.71 -7.35 -17.02
N PRO A 69 19.43 -6.03 -17.20
CA PRO A 69 18.66 -5.55 -18.36
C PRO A 69 19.35 -5.87 -19.70
N GLU A 70 20.69 -5.80 -19.73
CA GLU A 70 21.51 -6.03 -20.95
C GLU A 70 21.31 -7.46 -21.46
N PHE A 71 20.91 -8.41 -20.60
CA PHE A 71 20.61 -9.80 -21.03
C PHE A 71 19.26 -9.85 -21.74
N LEU A 72 18.34 -8.93 -21.45
CA LEU A 72 17.06 -8.86 -22.20
C LEU A 72 17.36 -8.46 -23.66
N THR A 73 18.14 -7.41 -23.85
CA THR A 73 18.53 -6.90 -25.19
C THR A 73 19.14 -8.06 -25.98
N ARG A 74 20.10 -8.77 -25.36
CA ARG A 74 20.86 -9.89 -25.97
C ARG A 74 19.87 -10.97 -26.42
N LEU A 75 18.93 -11.32 -25.55
CA LEU A 75 17.95 -12.40 -25.80
C LEU A 75 17.01 -11.98 -26.94
N ASN A 76 16.60 -10.71 -26.99
CA ASN A 76 15.75 -10.18 -28.08
C ASN A 76 16.53 -10.26 -29.40
N GLU A 77 17.81 -9.88 -29.39
CA GLU A 77 18.67 -9.89 -30.61
C GLU A 77 18.87 -11.33 -31.08
N MET A 78 19.10 -12.26 -30.15
CA MET A 78 19.27 -13.70 -30.45
C MET A 78 18.02 -14.23 -31.16
N HIS A 79 16.84 -13.92 -30.61
N HIS A 79 16.84 -13.91 -30.61
CA HIS A 79 15.53 -14.34 -31.17
CA HIS A 79 15.54 -14.35 -31.17
C HIS A 79 15.36 -13.79 -32.59
C HIS A 79 15.36 -13.79 -32.59
N ALA A 80 15.81 -12.55 -32.84
CA ALA A 80 15.73 -11.93 -34.17
C ALA A 80 16.71 -12.62 -35.14
N ALA A 81 17.92 -12.99 -34.68
CA ALA A 81 19.07 -13.37 -35.54
C ALA A 81 19.23 -14.89 -35.68
N GLU A 82 18.77 -15.70 -34.72
CA GLU A 82 19.11 -17.14 -34.61
C GLU A 82 17.87 -18.01 -34.78
N PRO A 83 17.65 -18.66 -35.95
CA PRO A 83 16.55 -19.62 -36.14
C PRO A 83 16.47 -20.72 -35.06
N GLN A 84 17.62 -21.13 -34.52
CA GLN A 84 17.75 -22.15 -33.45
C GLN A 84 17.05 -21.68 -32.16
N MET A 85 17.07 -20.37 -31.88
CA MET A 85 16.43 -19.76 -30.67
C MET A 85 14.90 -19.92 -30.77
N ARG A 86 14.33 -19.61 -31.94
CA ARG A 86 12.86 -19.68 -32.20
C ARG A 86 12.38 -21.13 -32.09
N GLU A 87 13.19 -22.09 -32.56
CA GLU A 87 12.90 -23.56 -32.47
C GLU A 87 12.87 -23.98 -31.00
N GLN A 88 13.94 -23.67 -30.26
CA GLN A 88 14.15 -24.01 -28.82
C GLN A 88 12.97 -23.50 -27.95
N THR A 89 12.53 -22.24 -28.13
CA THR A 89 11.62 -21.53 -27.19
C THR A 89 10.16 -21.53 -27.67
N GLY A 90 9.91 -21.50 -28.99
CA GLY A 90 8.57 -21.32 -29.56
C GLY A 90 8.10 -19.86 -29.53
N VAL A 91 8.97 -18.95 -29.09
CA VAL A 91 8.69 -17.49 -29.04
C VAL A 91 8.95 -16.91 -30.44
N THR A 92 7.92 -16.34 -31.07
CA THR A 92 7.97 -15.72 -32.43
C THR A 92 8.02 -14.20 -32.29
N PRO A 93 8.48 -13.45 -33.31
CA PRO A 93 8.51 -12.00 -33.24
C PRO A 93 7.11 -11.39 -33.04
N GLU A 94 6.08 -12.01 -33.65
CA GLU A 94 4.66 -11.62 -33.49
C GLU A 94 4.29 -11.72 -32.00
N MET A 95 4.75 -12.78 -31.34
CA MET A 95 4.45 -13.08 -29.91
C MET A 95 5.12 -12.02 -29.03
N ILE A 96 6.39 -11.71 -29.29
CA ILE A 96 7.14 -10.65 -28.53
C ILE A 96 6.39 -9.33 -28.68
N ASP A 97 5.87 -9.03 -29.87
CA ASP A 97 5.15 -7.76 -30.17
C ASP A 97 3.83 -7.75 -29.40
N PHE A 98 3.09 -8.87 -29.40
CA PHE A 98 1.81 -9.02 -28.67
C PHE A 98 2.07 -8.76 -27.18
N ILE A 99 3.08 -9.41 -26.61
CA ILE A 99 3.46 -9.28 -25.18
C ILE A 99 3.90 -7.83 -24.91
N THR A 100 4.63 -7.22 -25.83
CA THR A 100 5.11 -5.82 -25.70
C THR A 100 3.90 -4.87 -25.57
N ARG A 101 2.89 -5.05 -26.43
CA ARG A 101 1.67 -4.19 -26.45
C ARG A 101 0.81 -4.47 -25.21
N ALA A 102 0.62 -5.73 -24.83
CA ALA A 102 -0.15 -6.10 -23.61
C ALA A 102 0.54 -5.53 -22.38
N PHE A 103 1.87 -5.56 -22.32
CA PHE A 103 2.65 -5.04 -21.17
C PHE A 103 2.43 -3.53 -21.03
N ALA A 104 2.47 -2.82 -22.16
CA ALA A 104 2.16 -1.36 -22.23
C ALA A 104 0.75 -1.12 -21.68
N GLU A 105 -0.24 -1.93 -22.11
CA GLU A 105 -1.64 -1.80 -21.63
C GLU A 105 -1.69 -2.00 -20.11
N SER A 106 -0.87 -2.86 -19.53
CA SER A 106 -0.88 -3.16 -18.08
C SER A 106 -0.45 -1.90 -17.32
N LYS A 107 0.48 -1.14 -17.87
CA LYS A 107 0.93 0.14 -17.24
C LYS A 107 -0.14 1.22 -17.47
N LEU A 108 -0.64 1.36 -18.69
CA LEU A 108 -1.66 2.38 -19.06
C LEU A 108 -2.93 2.18 -18.25
N ALA A 109 -3.30 0.93 -17.91
CA ALA A 109 -4.52 0.65 -17.14
C ALA A 109 -4.37 1.22 -15.72
N ILE A 110 -3.16 1.17 -15.16
CA ILE A 110 -2.88 1.75 -13.80
C ILE A 110 -2.82 3.27 -13.93
N TRP A 111 -2.05 3.78 -14.87
CA TRP A 111 -1.86 5.24 -15.05
C TRP A 111 -3.21 5.95 -15.29
N ALA A 112 -4.18 5.25 -15.89
CA ALA A 112 -5.53 5.78 -16.21
C ALA A 112 -6.25 6.26 -14.95
N ARG A 113 -5.85 5.76 -13.78
CA ARG A 113 -6.45 6.12 -12.47
C ARG A 113 -5.70 7.29 -11.84
N TYR A 114 -4.61 7.76 -12.44
CA TYR A 114 -3.74 8.84 -11.87
C TYR A 114 -3.59 10.02 -12.81
N LEU A 115 -3.79 9.81 -14.11
CA LEU A 115 -3.64 10.85 -15.16
C LEU A 115 -5.03 11.28 -15.65
N ASN A 116 -5.16 12.52 -16.12
CA ASN A 116 -6.36 12.98 -16.84
C ASN A 116 -6.32 12.38 -18.25
N ALA A 117 -7.44 12.44 -18.96
CA ALA A 117 -7.62 11.82 -20.29
C ALA A 117 -6.54 12.32 -21.26
N GLU A 118 -6.22 13.62 -21.23
CA GLU A 118 -5.23 14.22 -22.15
C GLU A 118 -3.84 13.63 -21.88
N GLU A 119 -3.41 13.59 -20.61
CA GLU A 119 -2.08 13.05 -20.20
C GLU A 119 -1.99 11.57 -20.61
N LEU A 120 -3.05 10.80 -20.39
CA LEU A 120 -3.04 9.34 -20.71
C LEU A 120 -2.94 9.16 -22.22
N ALA A 121 -3.65 9.97 -23.01
CA ALA A 121 -3.65 9.88 -24.49
C ALA A 121 -2.24 10.17 -25.00
N PHE A 122 -1.56 11.17 -24.43
CA PHE A 122 -0.18 11.55 -24.79
C PHE A 122 0.74 10.34 -24.51
N THR A 123 0.64 9.77 -23.31
CA THR A 123 1.50 8.66 -22.87
C THR A 123 1.25 7.42 -23.73
N ARG A 124 -0.01 7.11 -24.04
N ARG A 124 -0.01 7.11 -24.04
CA ARG A 124 -0.37 5.98 -24.93
CA ARG A 124 -0.37 5.98 -24.93
C ARG A 124 0.32 6.19 -26.29
C ARG A 124 0.32 6.19 -26.29
N GLN A 125 0.29 7.41 -26.82
N GLN A 125 0.29 7.41 -26.82
CA GLN A 125 0.80 7.75 -28.17
CA GLN A 125 0.81 7.74 -28.17
C GLN A 125 2.34 7.63 -28.20
C GLN A 125 2.34 7.62 -28.19
N HIS A 126 3.02 8.07 -27.13
CA HIS A 126 4.49 8.31 -27.14
C HIS A 126 5.25 7.23 -26.35
N TYR A 127 4.55 6.26 -25.78
CA TYR A 127 5.12 5.18 -24.92
C TYR A 127 6.30 4.50 -25.64
N PHE A 128 6.18 4.20 -26.93
CA PHE A 128 7.13 3.36 -27.71
C PHE A 128 8.26 4.20 -28.31
N ASP A 129 8.15 5.53 -28.31
CA ASP A 129 9.03 6.45 -29.07
C ASP A 129 10.51 6.12 -28.82
N ARG A 130 10.91 6.05 -27.55
CA ARG A 130 12.31 5.82 -27.12
C ARG A 130 12.40 4.60 -26.19
N LEU A 131 11.45 3.67 -26.30
CA LEU A 131 11.35 2.45 -25.45
C LEU A 131 12.68 1.68 -25.46
N MET A 132 13.37 1.62 -26.60
CA MET A 132 14.54 0.73 -26.81
C MET A 132 15.76 1.23 -26.00
N GLU A 133 15.77 2.49 -25.58
CA GLU A 133 16.92 3.09 -24.86
C GLU A 133 16.86 2.81 -23.35
N TRP A 134 15.78 2.23 -22.84
CA TRP A 134 15.56 2.06 -21.37
C TRP A 134 16.51 1.02 -20.79
N PRO A 135 16.69 -0.17 -21.41
CA PRO A 135 17.56 -1.20 -20.85
C PRO A 135 18.98 -0.69 -20.53
N ALA A 136 19.61 0.03 -21.48
CA ALA A 136 20.96 0.60 -21.32
C ALA A 136 20.97 1.55 -20.13
N LEU A 137 19.94 2.39 -19.98
CA LEU A 137 19.86 3.36 -18.85
C LEU A 137 19.68 2.58 -17.55
N VAL A 138 18.76 1.63 -17.51
CA VAL A 138 18.48 0.82 -16.29
C VAL A 138 19.76 0.08 -15.89
N ALA A 139 20.51 -0.44 -16.86
CA ALA A 139 21.81 -1.10 -16.65
C ALA A 139 22.78 -0.14 -15.96
N ASP A 140 22.90 1.09 -16.46
CA ASP A 140 23.83 2.12 -15.93
C ASP A 140 23.39 2.52 -14.50
N LEU A 141 22.08 2.60 -14.25
CA LEU A 141 21.50 2.86 -12.91
C LEU A 141 21.87 1.72 -11.97
N HIS A 142 21.82 0.46 -12.45
CA HIS A 142 22.20 -0.76 -11.70
C HIS A 142 23.70 -0.70 -11.33
N ARG A 143 24.54 -0.26 -12.27
CA ARG A 143 26.01 -0.12 -12.06
C ARG A 143 26.27 0.99 -11.04
N ALA A 144 25.66 2.16 -11.22
CA ALA A 144 25.80 3.35 -10.34
C ALA A 144 25.42 2.97 -8.89
N CYS A 145 24.39 2.13 -8.72
CA CYS A 145 23.88 1.69 -7.40
C CYS A 145 24.89 0.74 -6.72
N ARG A 146 25.36 -0.26 -7.47
CA ARG A 146 26.32 -1.31 -7.01
C ARG A 146 27.69 -0.68 -6.72
N GLU A 147 28.15 0.25 -7.56
CA GLU A 147 29.43 1.00 -7.39
C GLU A 147 29.24 2.17 -6.40
N LYS A 148 28.14 2.16 -5.62
CA LYS A 148 27.77 3.15 -4.57
C LYS A 148 28.30 4.55 -4.94
N ARG A 149 28.07 4.99 -6.18
CA ARG A 149 28.40 6.36 -6.65
C ARG A 149 27.48 7.35 -5.95
N ASP A 150 27.87 8.63 -5.93
CA ASP A 150 27.10 9.71 -5.25
C ASP A 150 26.03 10.20 -6.23
N PRO A 151 24.73 10.09 -5.88
CA PRO A 151 23.67 10.67 -6.70
C PRO A 151 23.90 12.13 -7.09
N ALA A 152 24.59 12.91 -6.24
CA ALA A 152 24.86 14.36 -6.41
C ALA A 152 26.09 14.60 -7.30
N SER A 153 26.86 13.55 -7.63
CA SER A 153 28.07 13.62 -8.48
C SER A 153 27.69 14.11 -9.87
N PRO A 154 28.65 14.60 -10.70
CA PRO A 154 28.35 14.92 -12.10
C PRO A 154 27.87 13.70 -12.90
N GLU A 155 28.40 12.50 -12.60
CA GLU A 155 28.07 11.24 -13.32
C GLU A 155 26.67 10.77 -12.90
N GLY A 156 26.33 10.98 -11.62
CA GLY A 156 24.99 10.73 -11.07
C GLY A 156 23.95 11.65 -11.69
N GLN A 157 24.31 12.91 -11.93
CA GLN A 157 23.42 13.94 -12.54
C GLN A 157 23.29 13.70 -14.05
N GLN A 158 24.28 13.07 -14.68
CA GLN A 158 24.21 12.66 -16.11
C GLN A 158 23.14 11.58 -16.26
N LEU A 159 23.05 10.65 -15.31
CA LEU A 159 22.03 9.56 -15.30
C LEU A 159 20.63 10.17 -15.04
N ALA A 160 20.52 11.09 -14.09
CA ALA A 160 19.27 11.80 -13.75
C ALA A 160 18.74 12.53 -15.00
N GLN A 161 19.61 13.22 -15.74
CA GLN A 161 19.24 13.98 -16.97
C GLN A 161 18.83 13.00 -18.08
N ARG A 162 19.54 11.87 -18.20
CA ARG A 162 19.22 10.82 -19.20
C ARG A 162 17.84 10.23 -18.84
N TRP A 163 17.60 9.97 -17.55
CA TRP A 163 16.29 9.49 -17.07
C TRP A 163 15.22 10.49 -17.45
N LEU A 164 15.44 11.78 -17.15
CA LEU A 164 14.42 12.84 -17.38
C LEU A 164 14.04 12.87 -18.86
N ALA A 165 15.02 12.78 -19.76
CA ALA A 165 14.79 12.82 -21.21
C ALA A 165 13.91 11.64 -21.65
N LEU A 166 14.21 10.43 -21.18
CA LEU A 166 13.46 9.22 -21.60
C LEU A 166 12.05 9.29 -21.02
N PHE A 167 11.93 9.64 -19.74
CA PHE A 167 10.66 9.84 -19.01
C PHE A 167 9.79 10.85 -19.76
N GLN A 168 10.34 12.03 -20.02
CA GLN A 168 9.59 13.11 -20.70
C GLN A 168 9.17 12.67 -22.11
N SER A 169 9.89 11.73 -22.74
CA SER A 169 9.53 11.25 -24.09
C SER A 169 8.15 10.58 -24.07
N TYR A 170 7.69 10.02 -22.94
CA TYR A 170 6.34 9.42 -22.84
C TYR A 170 5.41 10.20 -21.91
N ALA A 171 5.93 10.88 -20.89
CA ALA A 171 5.12 11.66 -19.93
C ALA A 171 4.83 13.07 -20.44
N GLY A 172 5.73 13.66 -21.22
CA GLY A 172 5.65 15.09 -21.57
C GLY A 172 6.43 15.92 -20.56
N LYS A 173 6.43 17.24 -20.69
CA LYS A 173 7.41 18.13 -20.00
C LYS A 173 6.73 18.96 -18.92
N ASP A 174 5.49 18.67 -18.57
CA ASP A 174 4.74 19.41 -17.53
C ASP A 174 5.12 18.87 -16.15
N ALA A 175 5.55 19.76 -15.26
CA ALA A 175 6.06 19.43 -13.91
C ALA A 175 4.96 18.74 -13.09
N GLN A 176 3.71 19.17 -13.24
CA GLN A 176 2.55 18.62 -12.50
C GLN A 176 2.30 17.17 -12.97
N THR A 177 2.33 16.91 -14.27
CA THR A 177 2.18 15.55 -14.84
C THR A 177 3.26 14.65 -14.24
N GLN A 178 4.51 15.12 -14.16
CA GLN A 178 5.62 14.33 -13.60
C GLN A 178 5.29 13.90 -12.17
N GLN A 179 4.72 14.79 -11.37
CA GLN A 179 4.35 14.48 -9.97
C GLN A 179 3.24 13.43 -9.94
N LYS A 180 2.38 13.38 -10.94
CA LYS A 180 1.30 12.35 -11.00
C LYS A 180 1.91 10.98 -11.27
N PHE A 181 2.94 10.89 -12.13
CA PHE A 181 3.66 9.63 -12.39
C PHE A 181 4.36 9.18 -11.10
N ARG A 182 4.99 10.12 -10.40
CA ARG A 182 5.64 9.83 -9.10
C ARG A 182 4.62 9.26 -8.12
N TYR A 183 3.47 9.92 -7.97
CA TYR A 183 2.39 9.50 -7.03
C TYR A 183 1.92 8.10 -7.40
N ALA A 184 1.66 7.84 -8.68
CA ALA A 184 1.25 6.52 -9.20
C ALA A 184 2.26 5.45 -8.76
N MET A 185 3.56 5.71 -8.93
CA MET A 185 4.63 4.75 -8.54
C MET A 185 4.57 4.47 -7.04
N GLU A 186 4.40 5.52 -6.22
CA GLU A 186 4.31 5.42 -4.74
C GLU A 186 3.10 4.55 -4.37
N GLN A 187 1.95 4.74 -5.03
CA GLN A 187 0.66 4.11 -4.64
C GLN A 187 0.53 2.71 -5.24
N GLU A 188 1.24 2.44 -6.35
CA GLU A 188 1.08 1.21 -7.17
C GLU A 188 2.43 0.59 -7.45
N PRO A 189 3.02 -0.17 -6.50
CA PRO A 189 4.27 -0.88 -6.74
C PRO A 189 4.25 -1.77 -7.99
N HIS A 190 3.08 -2.27 -8.38
CA HIS A 190 2.92 -3.19 -9.53
C HIS A 190 3.37 -2.51 -10.83
N LEU A 191 3.50 -1.18 -10.86
CA LEU A 191 4.04 -0.44 -12.03
C LEU A 191 5.48 -0.86 -12.30
N MET A 192 6.25 -1.18 -11.24
N MET A 192 6.24 -1.17 -11.25
CA MET A 192 7.68 -1.52 -11.35
CA MET A 192 7.69 -1.53 -11.33
C MET A 192 7.89 -2.95 -11.89
C MET A 192 7.88 -2.94 -11.89
N LYS A 193 6.85 -3.80 -11.85
CA LYS A 193 6.97 -5.22 -12.29
C LYS A 193 7.43 -5.27 -13.76
N GLY A 194 8.46 -6.06 -14.04
CA GLY A 194 9.00 -6.30 -15.39
C GLY A 194 9.69 -5.09 -15.98
N THR A 195 10.28 -4.23 -15.14
CA THR A 195 11.02 -3.01 -15.56
C THR A 195 12.51 -3.12 -15.20
N TRP A 196 12.94 -4.21 -14.54
CA TRP A 196 14.35 -4.43 -14.09
C TRP A 196 14.75 -3.35 -13.09
N MET A 197 13.78 -2.71 -12.44
CA MET A 197 14.00 -1.59 -11.48
C MET A 197 13.72 -2.12 -10.07
N THR A 198 14.78 -2.50 -9.32
CA THR A 198 14.69 -2.95 -7.91
C THR A 198 14.52 -1.71 -7.02
N SER A 199 13.88 -1.87 -5.86
CA SER A 199 13.63 -0.81 -4.84
C SER A 199 14.93 -0.08 -4.49
N GLU A 200 16.04 -0.82 -4.40
CA GLU A 200 17.42 -0.28 -4.16
C GLU A 200 17.76 0.75 -5.24
N VAL A 201 17.58 0.40 -6.53
CA VAL A 201 17.98 1.25 -7.70
C VAL A 201 17.02 2.42 -7.83
N LEU A 202 15.72 2.19 -7.63
CA LEU A 202 14.67 3.27 -7.64
C LEU A 202 15.04 4.33 -6.61
N SER A 203 15.36 3.88 -5.38
CA SER A 203 15.77 4.75 -4.24
C SER A 203 16.97 5.62 -4.66
N TRP A 204 18.01 5.02 -5.26
CA TRP A 204 19.20 5.75 -5.79
C TRP A 204 18.77 6.78 -6.84
N LEU A 205 17.92 6.38 -7.78
CA LEU A 205 17.43 7.28 -8.87
C LEU A 205 16.65 8.45 -8.25
N GLN A 206 15.81 8.16 -7.26
CA GLN A 206 14.99 9.17 -6.55
C GLN A 206 15.90 10.25 -5.95
N GLN A 207 17.03 9.85 -5.34
CA GLN A 207 18.02 10.80 -4.75
C GLN A 207 18.60 11.68 -5.86
N ALA A 208 19.05 11.06 -6.96
CA ALA A 208 19.66 11.76 -8.12
C ALA A 208 18.67 12.79 -8.69
N ILE A 209 17.39 12.41 -8.81
CA ILE A 209 16.31 13.30 -9.33
C ILE A 209 16.10 14.43 -8.31
N GLY A 210 16.08 14.13 -7.02
CA GLY A 210 15.96 15.14 -5.94
C GLY A 210 16.98 16.26 -6.10
N VAL A 211 18.25 15.89 -6.30
CA VAL A 211 19.39 16.84 -6.48
C VAL A 211 19.12 17.68 -7.73
N MET A 212 18.78 17.01 -8.84
CA MET A 212 18.56 17.65 -10.17
C MET A 212 17.48 18.75 -10.05
N MET A 213 16.37 18.47 -9.35
CA MET A 213 15.19 19.38 -9.25
C MET A 213 15.58 20.65 -8.47
N ARG A 214 16.39 20.49 -7.41
CA ARG A 214 16.74 21.57 -6.45
C ARG A 214 17.86 22.44 -7.03
N GLN A 215 18.72 21.89 -7.90
CA GLN A 215 19.78 22.64 -8.63
C GLN A 215 19.20 23.22 -9.93
N ALA A 216 18.87 24.52 -9.92
CA ALA A 216 18.18 25.29 -10.99
C ALA A 216 16.70 25.39 -10.64
N GLN A 217 16.34 25.24 -9.35
CA GLN A 217 14.99 25.48 -8.79
C GLN A 217 14.81 26.98 -8.54
N GLY B 1 6.64 23.30 40.18
CA GLY B 1 6.62 22.37 39.01
C GLY B 1 6.61 23.14 37.70
N MET B 2 7.31 22.63 36.69
CA MET B 2 7.45 23.28 35.36
C MET B 2 6.06 23.44 34.72
N TYR B 3 5.30 22.35 34.62
CA TYR B 3 3.95 22.31 33.99
C TYR B 3 2.98 23.21 34.77
N ASP B 4 3.22 23.39 36.08
CA ASP B 4 2.35 24.22 36.97
C ASP B 4 2.57 25.71 36.70
N ARG B 5 3.80 26.12 36.39
CA ARG B 5 4.13 27.54 36.07
C ARG B 5 3.63 27.91 34.66
N TRP B 6 3.38 26.93 33.79
CA TRP B 6 3.12 27.14 32.34
C TRP B 6 1.65 26.96 31.97
N PHE B 7 0.91 26.15 32.73
CA PHE B 7 -0.53 25.85 32.47
C PHE B 7 -1.33 26.12 33.75
N SER B 8 -2.59 26.55 33.59
CA SER B 8 -3.59 26.68 34.68
C SER B 8 -4.03 25.29 35.13
N GLN B 9 -4.63 25.17 36.31
CA GLN B 9 -5.10 23.89 36.88
C GLN B 9 -6.16 23.29 35.95
N GLN B 10 -7.04 24.12 35.42
CA GLN B 10 -8.12 23.71 34.47
C GLN B 10 -7.51 23.09 33.21
N GLU B 11 -6.42 23.68 32.71
CA GLU B 11 -5.69 23.20 31.50
C GLU B 11 -4.96 21.88 31.81
N LEU B 12 -4.36 21.76 33.00
CA LEU B 12 -3.58 20.57 33.42
C LEU B 12 -4.47 19.34 33.54
N GLN B 13 -5.78 19.55 33.76
CA GLN B 13 -6.79 18.45 33.84
C GLN B 13 -7.07 17.89 32.45
N VAL B 14 -6.95 18.72 31.40
CA VAL B 14 -7.32 18.37 29.99
C VAL B 14 -6.07 17.94 29.21
N LEU B 15 -4.88 18.39 29.63
CA LEU B 15 -3.59 18.20 28.91
C LEU B 15 -3.07 16.78 29.10
N PRO B 16 -3.13 15.90 28.07
CA PRO B 16 -2.59 14.56 28.17
C PRO B 16 -1.14 14.48 28.67
N PHE B 17 -0.29 15.46 28.30
CA PHE B 17 1.14 15.47 28.66
C PHE B 17 1.32 15.58 30.19
N ALA B 18 0.32 16.05 30.93
CA ALA B 18 0.31 16.20 32.40
C ALA B 18 0.31 14.81 33.07
N GLU B 19 -0.57 13.91 32.61
CA GLU B 19 -0.63 12.50 33.11
C GLU B 19 0.57 11.72 32.56
N GLN B 20 1.22 10.88 33.37
CA GLN B 20 2.23 9.91 32.86
C GLN B 20 1.46 8.80 32.13
N ASP B 21 2.04 8.29 31.04
CA ASP B 21 1.46 7.22 30.18
C ASP B 21 2.60 6.53 29.45
N GLU B 22 2.80 5.23 29.73
CA GLU B 22 3.96 4.40 29.29
C GLU B 22 4.04 4.37 27.76
N GLN B 23 2.90 4.18 27.11
CA GLN B 23 2.75 4.07 25.63
C GLN B 23 3.23 5.37 25.00
N ARG B 24 2.73 6.52 25.48
CA ARG B 24 3.09 7.86 24.96
C ARG B 24 4.60 8.10 25.10
N ASN B 25 5.21 7.70 26.22
CA ASN B 25 6.66 7.92 26.47
C ASN B 25 7.47 7.09 25.46
N GLN B 26 7.02 5.87 25.19
CA GLN B 26 7.72 4.93 24.26
C GLN B 26 7.64 5.52 22.85
N THR B 27 6.47 6.03 22.46
CA THR B 27 6.25 6.69 21.14
C THR B 27 7.23 7.85 20.99
N TRP B 28 7.39 8.71 22.01
CA TRP B 28 8.27 9.90 21.94
C TRP B 28 9.75 9.47 21.93
N LEU B 29 10.08 8.38 22.61
CA LEU B 29 11.46 7.81 22.58
C LEU B 29 11.81 7.45 21.12
N GLU B 30 10.87 6.82 20.41
CA GLU B 30 11.04 6.36 19.02
C GLU B 30 11.10 7.58 18.09
N LEU B 31 10.17 8.54 18.23
CA LEU B 31 10.09 9.75 17.36
C LEU B 31 11.42 10.50 17.45
N VAL B 32 11.90 10.76 18.67
CA VAL B 32 13.15 11.54 18.90
C VAL B 32 14.34 10.74 18.35
N GLY B 33 14.39 9.44 18.61
CA GLY B 33 15.45 8.55 18.13
C GLY B 33 15.58 8.61 16.61
N GLU B 34 14.45 8.54 15.91
CA GLU B 34 14.40 8.55 14.41
C GLU B 34 14.81 9.92 13.89
N ALA B 35 14.39 11.01 14.56
CA ALA B 35 14.78 12.39 14.18
C ALA B 35 16.31 12.52 14.26
N GLN B 36 16.91 12.05 15.36
CA GLN B 36 18.39 12.12 15.59
C GLN B 36 19.10 11.33 14.49
N GLN B 37 18.59 10.14 14.17
CA GLN B 37 19.10 9.26 13.09
C GLN B 37 19.16 10.06 11.78
N LEU B 38 18.01 10.56 11.32
CA LEU B 38 17.86 11.21 9.99
C LEU B 38 18.75 12.47 9.95
N MET B 39 18.79 13.25 11.02
CA MET B 39 19.62 14.47 11.10
C MET B 39 21.10 14.07 11.07
N GLY B 40 21.47 12.99 11.79
CA GLY B 40 22.82 12.40 11.78
C GLY B 40 23.28 12.00 10.39
N GLU B 41 22.39 11.43 9.57
CA GLU B 41 22.64 11.07 8.15
C GLU B 41 22.63 12.31 7.25
N ARG B 42 22.34 13.50 7.80
CA ARG B 42 22.14 14.77 7.04
C ARG B 42 21.06 14.56 5.99
N CYS B 43 19.98 13.85 6.36
CA CYS B 43 18.82 13.55 5.49
C CYS B 43 18.11 14.84 5.14
N PRO B 44 17.90 15.17 3.83
CA PRO B 44 17.10 16.33 3.48
C PRO B 44 15.64 16.18 3.91
N ALA B 45 14.98 17.32 4.14
CA ALA B 45 13.61 17.40 4.68
C ALA B 45 12.60 16.75 3.72
N ASP B 46 12.89 16.63 2.43
CA ASP B 46 11.94 16.07 1.42
C ASP B 46 12.17 14.57 1.18
N GLU B 47 13.07 13.93 1.92
CA GLU B 47 13.30 12.47 1.88
C GLU B 47 12.05 11.76 2.41
N PRO B 48 11.58 10.67 1.78
CA PRO B 48 10.38 9.97 2.25
C PRO B 48 10.36 9.65 3.75
N ARG B 49 11.49 9.24 4.34
CA ARG B 49 11.58 8.88 5.78
C ARG B 49 11.35 10.14 6.63
N ALA B 50 11.84 11.30 6.20
CA ALA B 50 11.70 12.60 6.92
C ALA B 50 10.22 13.01 6.92
N ILE B 51 9.58 12.91 5.76
CA ILE B 51 8.14 13.26 5.54
C ILE B 51 7.27 12.33 6.40
N ALA B 52 7.51 11.02 6.34
CA ALA B 52 6.76 10.01 7.13
C ALA B 52 6.90 10.30 8.63
N LEU B 53 8.12 10.54 9.10
CA LEU B 53 8.39 10.87 10.53
C LEU B 53 7.60 12.12 10.95
N ALA B 54 7.73 13.22 10.20
CA ALA B 54 7.09 14.51 10.51
C ALA B 54 5.58 14.30 10.63
N THR B 55 4.97 13.50 9.76
CA THR B 55 3.51 13.24 9.74
C THR B 55 3.13 12.57 11.07
N ARG B 56 3.79 11.47 11.43
CA ARG B 56 3.52 10.73 12.69
C ARG B 56 3.75 11.68 13.88
N TRP B 57 4.85 12.41 13.86
CA TRP B 57 5.26 13.37 14.92
C TRP B 57 4.11 14.36 15.16
N MET B 58 3.63 15.03 14.11
N MET B 58 3.63 15.03 14.11
CA MET B 58 2.59 16.07 14.21
CA MET B 58 2.59 16.07 14.21
C MET B 58 1.26 15.44 14.68
C MET B 58 1.27 15.44 14.68
N GLU B 59 0.95 14.23 14.20
CA GLU B 59 -0.26 13.48 14.64
C GLU B 59 -0.14 13.14 16.13
N GLN B 60 1.05 12.80 16.61
CA GLN B 60 1.29 12.50 18.04
C GLN B 60 1.04 13.77 18.85
N LEU B 61 1.58 14.90 18.41
CA LEU B 61 1.42 16.23 19.09
C LEU B 61 -0.07 16.59 19.17
N GLU B 62 -0.82 16.29 18.11
CA GLU B 62 -2.28 16.57 17.99
C GLU B 62 -3.02 15.81 19.11
N GLN B 63 -2.66 14.54 19.29
CA GLN B 63 -3.23 13.63 20.32
C GLN B 63 -2.84 14.14 21.71
N ASP B 64 -1.55 14.44 21.91
CA ASP B 64 -0.95 14.73 23.24
C ASP B 64 -1.25 16.15 23.72
N THR B 65 -1.84 16.99 22.87
CA THR B 65 -2.38 18.34 23.25
C THR B 65 -3.91 18.29 23.29
N ALA B 66 -4.50 17.10 23.11
CA ALA B 66 -5.97 16.87 23.11
C ALA B 66 -6.65 17.75 22.06
N GLY B 67 -6.01 17.94 20.91
CA GLY B 67 -6.56 18.71 19.78
C GLY B 67 -6.71 20.20 20.10
N ARG B 68 -6.00 20.71 21.12
CA ARG B 68 -6.02 22.13 21.53
C ARG B 68 -4.79 22.81 20.94
N PRO B 69 -4.95 23.64 19.89
CA PRO B 69 -3.79 24.23 19.21
C PRO B 69 -2.96 25.16 20.10
N GLU B 70 -3.61 25.89 21.01
CA GLU B 70 -2.95 26.84 21.95
C GLU B 70 -1.95 26.10 22.84
N PHE B 71 -2.12 24.80 23.07
CA PHE B 71 -1.16 23.98 23.85
C PHE B 71 0.10 23.72 23.01
N LEU B 72 0.02 23.72 21.69
CA LEU B 72 1.24 23.62 20.84
C LEU B 72 2.11 24.86 21.07
N THR B 73 1.54 26.05 20.97
CA THR B 73 2.27 27.34 21.19
C THR B 73 2.97 27.27 22.56
N ARG B 74 2.23 26.88 23.60
CA ARG B 74 2.71 26.81 25.00
C ARG B 74 3.92 25.86 25.07
N LEU B 75 3.81 24.69 24.45
CA LEU B 75 4.86 23.65 24.47
C LEU B 75 6.10 24.14 23.72
N ASN B 76 5.92 24.86 22.61
CA ASN B 76 7.05 25.45 21.84
C ASN B 76 7.75 26.50 22.72
N GLU B 77 6.98 27.33 23.43
CA GLU B 77 7.52 28.40 24.30
C GLU B 77 8.29 27.77 25.47
N MET B 78 7.73 26.72 26.06
CA MET B 78 8.37 25.96 27.18
C MET B 78 9.73 25.43 26.72
N HIS B 79 9.77 24.80 25.55
N HIS B 79 9.77 24.80 25.55
CA HIS B 79 11.01 24.25 24.97
CA HIS B 79 11.01 24.24 24.96
C HIS B 79 12.04 25.36 24.75
C HIS B 79 12.04 25.36 24.75
N ALA B 80 11.62 26.55 24.34
CA ALA B 80 12.52 27.70 24.13
C ALA B 80 13.05 28.21 25.49
N ALA B 81 12.21 28.23 26.53
CA ALA B 81 12.45 29.00 27.78
C ALA B 81 12.99 28.11 28.92
N GLU B 82 12.71 26.81 28.91
CA GLU B 82 12.98 25.90 30.07
C GLU B 82 14.03 24.86 29.71
N PRO B 83 15.30 24.99 30.18
CA PRO B 83 16.32 23.94 29.98
C PRO B 83 15.91 22.54 30.46
N GLN B 84 15.06 22.49 31.50
CA GLN B 84 14.47 21.25 32.06
C GLN B 84 13.64 20.51 30.99
N MET B 85 12.95 21.23 30.10
CA MET B 85 12.10 20.65 29.01
C MET B 85 13.01 19.90 28.02
N ARG B 86 14.12 20.51 27.58
CA ARG B 86 15.08 19.91 26.60
C ARG B 86 15.69 18.62 27.20
N GLU B 87 16.01 18.62 28.50
CA GLU B 87 16.57 17.45 29.24
C GLU B 87 15.54 16.31 29.25
N GLN B 88 14.32 16.62 29.72
CA GLN B 88 13.18 15.67 29.86
C GLN B 88 12.84 14.98 28.53
N THR B 89 12.77 15.71 27.41
CA THR B 89 12.19 15.23 26.12
C THR B 89 13.26 14.79 25.12
N GLY B 90 14.44 15.43 25.12
CA GLY B 90 15.48 15.21 24.09
C GLY B 90 15.19 15.98 22.80
N VAL B 91 14.12 16.77 22.77
CA VAL B 91 13.71 17.60 21.59
C VAL B 91 14.52 18.89 21.59
N THR B 92 15.33 19.12 20.55
CA THR B 92 16.18 20.33 20.39
C THR B 92 15.54 21.29 19.41
N PRO B 93 15.88 22.60 19.43
CA PRO B 93 15.31 23.56 18.48
C PRO B 93 15.62 23.19 17.01
N GLU B 94 16.81 22.63 16.76
CA GLU B 94 17.25 22.15 15.42
C GLU B 94 16.27 21.05 14.96
N MET B 95 15.88 20.17 15.88
CA MET B 95 14.99 19.01 15.63
C MET B 95 13.59 19.53 15.28
N ILE B 96 13.06 20.47 16.06
CA ILE B 96 11.73 21.08 15.80
C ILE B 96 11.75 21.71 14.40
N ASP B 97 12.85 22.36 14.04
CA ASP B 97 13.01 23.04 12.72
C ASP B 97 13.03 21.99 11.60
N PHE B 98 13.77 20.91 11.80
CA PHE B 98 13.87 19.79 10.81
C PHE B 98 12.46 19.22 10.58
N ILE B 99 11.74 18.93 11.66
CA ILE B 99 10.36 18.36 11.62
C ILE B 99 9.43 19.38 10.95
N THR B 100 9.59 20.68 11.24
CA THR B 100 8.78 21.77 10.64
C THR B 100 8.95 21.75 9.12
N ARG B 101 10.19 21.65 8.63
CA ARG B 101 10.52 21.68 7.18
C ARG B 101 10.04 20.37 6.52
N ALA B 102 10.23 19.21 7.15
CA ALA B 102 9.76 17.92 6.62
C ALA B 102 8.23 17.91 6.54
N PHE B 103 7.56 18.49 7.52
CA PHE B 103 6.07 18.54 7.56
C PHE B 103 5.58 19.41 6.39
N ALA B 104 6.24 20.55 6.16
CA ALA B 104 5.97 21.43 5.00
C ALA B 104 6.14 20.64 3.70
N GLU B 105 7.22 19.85 3.58
CA GLU B 105 7.47 19.01 2.38
C GLU B 105 6.31 18.02 2.19
N SER B 106 5.69 17.52 3.25
CA SER B 106 4.57 16.54 3.14
C SER B 106 3.38 17.23 2.47
N LYS B 107 3.16 18.51 2.74
CA LYS B 107 2.06 19.29 2.10
C LYS B 107 2.46 19.64 0.66
N LEU B 108 3.68 20.13 0.45
CA LEU B 108 4.20 20.55 -0.88
C LEU B 108 4.21 19.36 -1.83
N ALA B 109 4.46 18.14 -1.36
CA ALA B 109 4.50 16.94 -2.23
C ALA B 109 3.11 16.67 -2.80
N ILE B 110 2.05 16.92 -2.01
CA ILE B 110 0.63 16.77 -2.47
C ILE B 110 0.30 17.93 -3.41
N TRP B 111 0.57 19.16 -2.99
CA TRP B 111 0.22 20.36 -3.79
C TRP B 111 0.90 20.32 -5.17
N ALA B 112 2.07 19.67 -5.28
CA ALA B 112 2.84 19.53 -6.53
C ALA B 112 2.02 18.84 -7.63
N ARG B 113 0.99 18.08 -7.27
N ARG B 113 0.98 18.07 -7.27
CA ARG B 113 0.08 17.39 -8.22
CA ARG B 113 0.08 17.41 -8.25
C ARG B 113 -1.13 18.27 -8.58
C ARG B 113 -1.05 18.34 -8.70
N TYR B 114 -1.28 19.44 -7.96
CA TYR B 114 -2.43 20.34 -8.19
C TYR B 114 -1.98 21.72 -8.70
N LEU B 115 -0.73 22.13 -8.42
CA LEU B 115 -0.23 23.49 -8.77
C LEU B 115 0.75 23.41 -9.93
N ASN B 116 0.83 24.47 -10.74
CA ASN B 116 1.89 24.62 -11.77
C ASN B 116 3.19 25.00 -11.06
N ALA B 117 4.32 24.94 -11.77
CA ALA B 117 5.68 25.17 -11.23
C ALA B 117 5.75 26.54 -10.52
N GLU B 118 5.16 27.57 -11.10
CA GLU B 118 5.21 28.95 -10.58
C GLU B 118 4.45 29.02 -9.25
N GLU B 119 3.23 28.49 -9.21
CA GLU B 119 2.36 28.49 -8.01
C GLU B 119 3.06 27.71 -6.88
N LEU B 120 3.66 26.57 -7.20
CA LEU B 120 4.32 25.69 -6.18
C LEU B 120 5.55 26.42 -5.64
N ALA B 121 6.31 27.11 -6.49
CA ALA B 121 7.53 27.84 -6.08
C ALA B 121 7.14 28.96 -5.11
N PHE B 122 6.04 29.66 -5.40
CA PHE B 122 5.50 30.74 -4.54
C PHE B 122 5.14 30.13 -3.17
N THR B 123 4.39 29.03 -3.18
CA THR B 123 3.89 28.41 -1.93
C THR B 123 5.07 27.85 -1.12
N ARG B 124 6.07 27.25 -1.78
CA ARG B 124 7.29 26.77 -1.08
C ARG B 124 7.96 27.94 -0.38
N GLN B 125 8.06 29.08 -1.05
CA GLN B 125 8.77 30.29 -0.57
C GLN B 125 8.02 30.86 0.63
N HIS B 126 6.68 30.94 0.59
CA HIS B 126 5.87 31.77 1.52
C HIS B 126 5.15 30.91 2.57
N TYR B 127 5.32 29.59 2.53
CA TYR B 127 4.67 28.65 3.48
C TYR B 127 4.93 29.06 4.94
N PHE B 128 6.16 29.45 5.27
CA PHE B 128 6.62 29.70 6.65
C PHE B 128 6.35 31.15 7.11
N ASP B 129 5.99 32.05 6.19
CA ASP B 129 5.89 33.51 6.44
C ASP B 129 5.08 33.80 7.71
N ARG B 130 3.87 33.24 7.80
CA ARG B 130 2.89 33.50 8.89
C ARG B 130 2.50 32.18 9.58
N LEU B 131 3.37 31.17 9.55
CA LEU B 131 3.08 29.81 10.08
C LEU B 131 2.68 29.89 11.55
N MET B 132 3.29 30.79 12.32
CA MET B 132 3.13 30.87 13.80
C MET B 132 1.73 31.34 14.19
N GLU B 133 0.99 31.98 13.29
CA GLU B 133 -0.34 32.57 13.60
C GLU B 133 -1.47 31.55 13.44
N TRP B 134 -1.18 30.34 12.92
CA TRP B 134 -2.24 29.33 12.60
C TRP B 134 -2.88 28.77 13.88
N PRO B 135 -2.09 28.39 14.91
CA PRO B 135 -2.68 27.85 16.14
C PRO B 135 -3.77 28.75 16.75
N ALA B 136 -3.51 30.05 16.89
CA ALA B 136 -4.46 31.03 17.46
C ALA B 136 -5.75 31.04 16.62
N LEU B 137 -5.62 31.01 15.29
CA LEU B 137 -6.80 31.03 14.39
C LEU B 137 -7.56 29.72 14.54
N VAL B 138 -6.85 28.57 14.50
CA VAL B 138 -7.49 27.23 14.57
C VAL B 138 -8.21 27.12 15.93
N ALA B 139 -7.61 27.67 17.00
CA ALA B 139 -8.21 27.72 18.34
C ALA B 139 -9.56 28.46 18.29
N ASP B 140 -9.58 29.64 17.65
CA ASP B 140 -10.79 30.51 17.56
C ASP B 140 -11.86 29.79 16.71
N LEU B 141 -11.45 29.09 15.66
CA LEU B 141 -12.35 28.26 14.81
C LEU B 141 -12.94 27.13 15.65
N HIS B 142 -12.13 26.50 16.51
CA HIS B 142 -12.57 25.42 17.45
C HIS B 142 -13.61 25.99 18.43
N ARG B 143 -13.40 27.20 18.95
CA ARG B 143 -14.33 27.87 19.90
C ARG B 143 -15.64 28.20 19.18
N ALA B 144 -15.55 28.82 18.00
CA ALA B 144 -16.70 29.23 17.16
C ALA B 144 -17.58 28.02 16.85
N CYS B 145 -16.98 26.86 16.61
CA CYS B 145 -17.66 25.58 16.26
C CYS B 145 -18.40 25.03 17.48
N ARG B 146 -17.71 24.96 18.63
CA ARG B 146 -18.22 24.42 19.93
C ARG B 146 -19.33 25.34 20.47
N GLU B 147 -19.15 26.66 20.38
CA GLU B 147 -20.15 27.68 20.81
C GLU B 147 -21.22 27.87 19.73
N LYS B 148 -21.33 26.93 18.79
CA LYS B 148 -22.32 26.88 17.67
C LYS B 148 -22.72 28.29 17.23
N ARG B 149 -21.74 29.17 17.01
CA ARG B 149 -21.94 30.53 16.48
C ARG B 149 -22.38 30.42 15.01
N ASP B 150 -22.99 31.48 14.48
CA ASP B 150 -23.50 31.52 13.08
C ASP B 150 -22.33 31.88 12.16
N PRO B 151 -21.97 31.00 11.20
CA PRO B 151 -20.96 31.33 10.19
C PRO B 151 -21.20 32.68 9.49
N ALA B 152 -22.46 33.09 9.35
CA ALA B 152 -22.90 34.31 8.63
C ALA B 152 -22.83 35.54 9.53
N SER B 153 -22.61 35.35 10.85
CA SER B 153 -22.49 36.45 11.85
C SER B 153 -21.32 37.36 11.49
N PRO B 154 -21.24 38.60 12.01
CA PRO B 154 -20.07 39.45 11.82
C PRO B 154 -18.78 38.83 12.40
N GLU B 155 -18.89 38.11 13.53
CA GLU B 155 -17.72 37.51 14.23
C GLU B 155 -17.29 36.25 13.47
N GLY B 156 -18.24 35.53 12.87
CA GLY B 156 -17.99 34.40 11.96
C GLY B 156 -17.26 34.86 10.69
N GLN B 157 -17.63 36.02 10.16
CA GLN B 157 -17.02 36.63 8.93
C GLN B 157 -15.64 37.21 9.27
N GLN B 158 -15.40 37.62 10.51
CA GLN B 158 -14.07 38.08 11.00
C GLN B 158 -13.10 36.90 10.97
N LEU B 159 -13.56 35.70 11.35
CA LEU B 159 -12.74 34.45 11.33
C LEU B 159 -12.46 34.04 9.88
N ALA B 160 -13.47 34.10 9.02
CA ALA B 160 -13.36 33.78 7.57
C ALA B 160 -12.30 34.69 6.93
N GLN B 161 -12.32 36.00 7.23
N GLN B 161 -12.32 36.00 7.23
CA GLN B 161 -11.36 37.01 6.70
CA GLN B 161 -11.36 37.01 6.70
C GLN B 161 -9.96 36.74 7.25
C GLN B 161 -9.96 36.73 7.25
N ARG B 162 -9.85 36.35 8.53
CA ARG B 162 -8.55 36.02 9.17
C ARG B 162 -8.00 34.76 8.50
N TRP B 163 -8.87 33.76 8.27
CA TRP B 163 -8.49 32.53 7.54
C TRP B 163 -7.95 32.91 6.16
N LEU B 164 -8.71 33.73 5.42
CA LEU B 164 -8.38 34.10 4.02
C LEU B 164 -6.99 34.74 3.99
N ALA B 165 -6.70 35.64 4.92
CA ALA B 165 -5.40 36.36 5.01
C ALA B 165 -4.27 35.35 5.22
N LEU B 166 -4.41 34.41 6.16
CA LEU B 166 -3.31 33.43 6.46
C LEU B 166 -3.13 32.51 5.25
N PHE B 167 -4.23 31.99 4.71
CA PHE B 167 -4.27 31.16 3.48
C PHE B 167 -3.55 31.87 2.33
N GLN B 168 -3.97 33.10 2.02
CA GLN B 168 -3.40 33.88 0.89
C GLN B 168 -1.91 34.16 1.15
N SER B 169 -1.45 34.17 2.40
CA SER B 169 -0.02 34.43 2.73
C SER B 169 0.85 33.32 2.12
N TYR B 170 0.34 32.09 1.91
CA TYR B 170 1.13 31.01 1.26
C TYR B 170 0.56 30.63 -0.12
N ALA B 171 -0.74 30.79 -0.36
CA ALA B 171 -1.40 30.46 -1.65
C ALA B 171 -1.24 31.60 -2.68
N GLY B 172 -1.20 32.85 -2.22
CA GLY B 172 -1.29 34.01 -3.13
C GLY B 172 -2.73 34.45 -3.30
N LYS B 173 -2.96 35.49 -4.09
CA LYS B 173 -4.25 36.22 -4.14
C LYS B 173 -4.94 36.02 -5.49
N ASP B 174 -4.48 35.09 -6.34
CA ASP B 174 -5.17 34.77 -7.63
C ASP B 174 -6.34 33.81 -7.34
N ALA B 175 -7.55 34.18 -7.75
CA ALA B 175 -8.81 33.46 -7.46
C ALA B 175 -8.75 32.01 -7.99
N GLN B 176 -8.15 31.81 -9.16
CA GLN B 176 -8.05 30.46 -9.79
C GLN B 176 -7.09 29.59 -8.98
N THR B 177 -5.95 30.13 -8.54
CA THR B 177 -4.98 29.39 -7.69
C THR B 177 -5.69 28.97 -6.39
N GLN B 178 -6.50 29.84 -5.80
CA GLN B 178 -7.20 29.53 -4.53
C GLN B 178 -8.12 28.32 -4.77
N GLN B 179 -8.77 28.24 -5.93
CA GLN B 179 -9.68 27.12 -6.25
C GLN B 179 -8.86 25.83 -6.37
N LYS B 180 -7.59 25.91 -6.80
CA LYS B 180 -6.72 24.71 -6.89
C LYS B 180 -6.43 24.17 -5.49
N PHE B 181 -6.19 25.05 -4.52
CA PHE B 181 -5.95 24.66 -3.12
C PHE B 181 -7.23 24.04 -2.55
N ARG B 182 -8.38 24.64 -2.83
CA ARG B 182 -9.69 24.10 -2.41
C ARG B 182 -9.84 22.67 -2.96
N TYR B 183 -9.63 22.48 -4.26
CA TYR B 183 -9.77 21.18 -4.94
C TYR B 183 -8.82 20.16 -4.30
N ALA B 184 -7.57 20.53 -4.08
CA ALA B 184 -6.55 19.66 -3.44
C ALA B 184 -7.07 19.22 -2.06
N MET B 185 -7.60 20.12 -1.25
CA MET B 185 -8.11 19.81 0.11
C MET B 185 -9.27 18.80 0.00
N GLU B 186 -10.18 19.02 -0.96
CA GLU B 186 -11.35 18.14 -1.21
C GLU B 186 -10.86 16.74 -1.56
N GLN B 187 -9.83 16.63 -2.42
CA GLN B 187 -9.37 15.35 -3.02
C GLN B 187 -8.39 14.64 -2.09
N GLU B 188 -7.70 15.38 -1.19
CA GLU B 188 -6.56 14.88 -0.40
C GLU B 188 -6.75 15.20 1.08
N PRO B 189 -7.50 14.36 1.82
CA PRO B 189 -7.70 14.57 3.25
C PRO B 189 -6.38 14.66 4.04
N HIS B 190 -5.33 13.99 3.58
CA HIS B 190 -3.99 13.96 4.23
C HIS B 190 -3.42 15.37 4.42
N LEU B 191 -3.92 16.37 3.68
CA LEU B 191 -3.46 17.78 3.82
C LEU B 191 -3.84 18.29 5.21
N MET B 192 -4.95 17.83 5.76
CA MET B 192 -5.46 18.25 7.10
C MET B 192 -4.66 17.62 8.25
N LYS B 193 -3.90 16.56 8.02
CA LYS B 193 -3.17 15.84 9.10
C LYS B 193 -2.19 16.80 9.78
N GLY B 194 -2.20 16.83 11.12
CA GLY B 194 -1.26 17.64 11.93
C GLY B 194 -1.54 19.13 11.84
N THR B 195 -2.81 19.52 11.59
CA THR B 195 -3.26 20.93 11.48
C THR B 195 -4.25 21.28 12.58
N TRP B 196 -4.60 20.34 13.47
CA TRP B 196 -5.58 20.52 14.57
C TRP B 196 -6.96 20.82 14.01
N MET B 197 -7.22 20.46 12.75
CA MET B 197 -8.47 20.77 12.03
C MET B 197 -9.34 19.50 11.93
N THR B 198 -10.37 19.40 12.77
CA THR B 198 -11.40 18.32 12.72
C THR B 198 -12.35 18.61 11.54
N SER B 199 -12.94 17.56 10.95
CA SER B 199 -13.97 17.62 9.87
C SER B 199 -15.11 18.55 10.28
N GLU B 200 -15.50 18.51 11.56
CA GLU B 200 -16.52 19.39 12.17
C GLU B 200 -16.13 20.87 11.95
N VAL B 201 -14.89 21.24 12.29
CA VAL B 201 -14.40 22.66 12.24
C VAL B 201 -14.21 23.09 10.78
N LEU B 202 -13.68 22.20 9.93
CA LEU B 202 -13.51 22.46 8.47
C LEU B 202 -14.89 22.80 7.88
N SER B 203 -15.90 21.97 8.17
CA SER B 203 -17.30 22.15 7.72
C SER B 203 -17.82 23.54 8.11
N TRP B 204 -17.63 23.95 9.37
CA TRP B 204 -18.02 25.29 9.89
C TRP B 204 -17.29 26.39 9.09
N LEU B 205 -15.98 26.23 8.88
CA LEU B 205 -15.13 27.21 8.15
C LEU B 205 -15.64 27.32 6.71
N GLN B 206 -15.96 26.18 6.09
CA GLN B 206 -16.45 26.11 4.68
C GLN B 206 -17.72 26.97 4.56
N GLN B 207 -18.62 26.90 5.53
CA GLN B 207 -19.89 27.69 5.55
C GLN B 207 -19.54 29.19 5.60
N ALA B 208 -18.66 29.58 6.54
CA ALA B 208 -18.22 30.97 6.77
C ALA B 208 -17.60 31.53 5.47
N ILE B 209 -16.76 30.73 4.80
CA ILE B 209 -16.09 31.13 3.53
C ILE B 209 -17.15 31.29 2.43
N GLY B 210 -18.12 30.36 2.37
CA GLY B 210 -19.25 30.43 1.42
C GLY B 210 -19.94 31.78 1.48
N VAL B 211 -20.31 32.21 2.70
CA VAL B 211 -21.01 33.50 2.95
C VAL B 211 -20.11 34.65 2.46
N MET B 212 -18.84 34.63 2.85
CA MET B 212 -17.84 35.69 2.55
C MET B 212 -17.75 35.90 1.03
N MET B 213 -17.69 34.82 0.25
CA MET B 213 -17.47 34.85 -1.22
C MET B 213 -18.68 35.49 -1.91
N ARG B 214 -19.89 35.19 -1.44
CA ARG B 214 -21.17 35.62 -2.06
C ARG B 214 -21.48 37.08 -1.69
N GLN B 215 -21.05 37.53 -0.50
CA GLN B 215 -21.28 38.92 -0.02
C GLN B 215 -20.08 39.80 -0.41
N ALA B 216 -19.27 39.36 -1.39
CA ALA B 216 -18.16 40.13 -2.01
C ALA B 216 -18.66 40.88 -3.24
N GLN B 217 -19.97 41.15 -3.29
CA GLN B 217 -20.64 42.08 -4.24
C GLN B 217 -20.45 43.52 -3.77
N GLY C 1 -28.69 -7.04 -11.97
CA GLY C 1 -28.53 -6.88 -10.50
C GLY C 1 -28.18 -8.19 -9.81
N MET C 2 -27.04 -8.79 -10.17
CA MET C 2 -26.56 -10.08 -9.59
C MET C 2 -26.38 -9.91 -8.08
N TYR C 3 -25.65 -8.89 -7.63
CA TYR C 3 -25.35 -8.64 -6.19
C TYR C 3 -26.64 -8.34 -5.43
N ASP C 4 -27.66 -7.80 -6.11
CA ASP C 4 -28.97 -7.43 -5.51
C ASP C 4 -29.80 -8.69 -5.24
N ARG C 5 -29.72 -9.70 -6.10
CA ARG C 5 -30.44 -11.00 -5.95
C ARG C 5 -29.78 -11.85 -4.84
N TRP C 6 -28.52 -11.58 -4.50
CA TRP C 6 -27.70 -12.44 -3.62
C TRP C 6 -27.53 -11.86 -2.22
N PHE C 7 -27.56 -10.54 -2.06
CA PHE C 7 -27.36 -9.84 -0.76
C PHE C 7 -28.50 -8.87 -0.49
N SER C 8 -28.83 -8.65 0.79
CA SER C 8 -29.77 -7.59 1.25
C SER C 8 -29.11 -6.23 1.12
N GLN C 9 -29.89 -5.15 1.13
CA GLN C 9 -29.38 -3.76 1.03
C GLN C 9 -28.43 -3.47 2.21
N GLN C 10 -28.79 -3.94 3.41
CA GLN C 10 -27.96 -3.78 4.65
C GLN C 10 -26.59 -4.43 4.46
N GLU C 11 -26.55 -5.60 3.81
CA GLU C 11 -25.30 -6.36 3.55
C GLU C 11 -24.48 -5.65 2.46
N LEU C 12 -25.13 -5.11 1.44
CA LEU C 12 -24.45 -4.42 0.30
C LEU C 12 -23.76 -3.15 0.79
N GLN C 13 -24.19 -2.57 1.91
CA GLN C 13 -23.56 -1.38 2.55
C GLN C 13 -22.23 -1.77 3.20
N VAL C 14 -22.11 -3.01 3.69
CA VAL C 14 -20.95 -3.50 4.49
C VAL C 14 -19.97 -4.26 3.59
N LEU C 15 -20.44 -4.82 2.47
CA LEU C 15 -19.64 -5.72 1.60
C LEU C 15 -18.75 -4.89 0.69
N PRO C 16 -17.41 -4.86 0.90
CA PRO C 16 -16.51 -4.12 0.02
C PRO C 16 -16.66 -4.45 -1.46
N PHE C 17 -16.97 -5.71 -1.81
CA PHE C 17 -17.08 -6.16 -3.22
C PHE C 17 -18.23 -5.45 -3.94
N ALA C 18 -19.19 -4.89 -3.20
CA ALA C 18 -20.37 -4.16 -3.74
C ALA C 18 -19.93 -2.81 -4.33
N GLU C 19 -19.09 -2.06 -3.62
CA GLU C 19 -18.49 -0.78 -4.11
C GLU C 19 -17.46 -1.11 -5.20
N GLN C 20 -17.40 -0.34 -6.28
CA GLN C 20 -16.29 -0.45 -7.27
C GLN C 20 -15.00 0.07 -6.62
N ASP C 21 -13.89 -0.59 -6.96
CA ASP C 21 -12.53 -0.26 -6.47
C ASP C 21 -11.56 -0.81 -7.51
N GLU C 22 -10.98 0.06 -8.32
CA GLU C 22 -10.18 -0.34 -9.50
C GLU C 22 -8.85 -0.95 -9.03
N GLN C 23 -8.30 -0.49 -7.90
CA GLN C 23 -7.06 -1.03 -7.27
C GLN C 23 -7.29 -2.50 -6.91
N ARG C 24 -8.40 -2.80 -6.21
CA ARG C 24 -8.80 -4.16 -5.81
C ARG C 24 -8.97 -5.05 -7.05
N ASN C 25 -9.55 -4.54 -8.13
CA ASN C 25 -9.78 -5.33 -9.38
C ASN C 25 -8.43 -5.68 -10.02
N GLN C 26 -7.45 -4.78 -9.94
CA GLN C 26 -6.10 -4.99 -10.52
C GLN C 26 -5.40 -6.10 -9.72
N THR C 27 -5.52 -6.06 -8.38
CA THR C 27 -5.00 -7.11 -7.48
C THR C 27 -5.60 -8.48 -7.85
N TRP C 28 -6.92 -8.55 -8.07
CA TRP C 28 -7.61 -9.82 -8.42
C TRP C 28 -7.22 -10.29 -9.82
N LEU C 29 -6.97 -9.37 -10.75
CA LEU C 29 -6.47 -9.70 -12.11
C LEU C 29 -5.14 -10.46 -11.98
N GLU C 30 -4.26 -9.98 -11.10
CA GLU C 30 -2.92 -10.58 -10.88
C GLU C 30 -3.06 -11.93 -10.16
N LEU C 31 -3.86 -11.99 -9.09
CA LEU C 31 -4.08 -13.23 -8.30
C LEU C 31 -4.60 -14.33 -9.24
N VAL C 32 -5.62 -14.03 -10.04
CA VAL C 32 -6.27 -15.01 -10.94
C VAL C 32 -5.27 -15.42 -12.04
N GLY C 33 -4.54 -14.46 -12.59
CA GLY C 33 -3.50 -14.73 -13.61
C GLY C 33 -2.48 -15.74 -13.10
N GLU C 34 -2.00 -15.56 -11.86
CA GLU C 34 -0.97 -16.44 -11.24
C GLU C 34 -1.58 -17.82 -10.96
N ALA C 35 -2.83 -17.90 -10.51
CA ALA C 35 -3.56 -19.16 -10.27
C ALA C 35 -3.63 -19.95 -11.59
N GLN C 36 -4.02 -19.29 -12.70
CA GLN C 36 -4.16 -19.92 -14.04
C GLN C 36 -2.80 -20.47 -14.46
N GLN C 37 -1.74 -19.68 -14.25
CA GLN C 37 -0.34 -20.05 -14.56
C GLN C 37 -0.04 -21.37 -13.83
N LEU C 38 -0.12 -21.38 -12.50
CA LEU C 38 0.30 -22.52 -11.66
C LEU C 38 -0.53 -23.77 -12.01
N MET C 39 -1.84 -23.61 -12.22
CA MET C 39 -2.74 -24.72 -12.62
C MET C 39 -2.35 -25.23 -14.01
N GLY C 40 -2.04 -24.32 -14.95
CA GLY C 40 -1.56 -24.63 -16.30
C GLY C 40 -0.29 -25.47 -16.28
N GLU C 41 0.64 -25.16 -15.37
CA GLU C 41 1.90 -25.93 -15.15
C GLU C 41 1.62 -27.25 -14.41
N ARG C 42 0.38 -27.49 -13.96
CA ARG C 42 0.02 -28.63 -13.05
C ARG C 42 0.94 -28.58 -11.82
N CYS C 43 1.15 -27.38 -11.28
CA CYS C 43 1.96 -27.11 -10.06
C CYS C 43 1.31 -27.82 -8.86
N PRO C 44 2.03 -28.67 -8.12
CA PRO C 44 1.46 -29.28 -6.91
C PRO C 44 1.13 -28.23 -5.85
N ALA C 45 0.11 -28.51 -5.03
CA ALA C 45 -0.43 -27.56 -4.03
C ALA C 45 0.63 -27.22 -2.97
N ASP C 46 1.65 -28.05 -2.75
CA ASP C 46 2.67 -27.81 -1.69
C ASP C 46 3.94 -27.13 -2.23
N GLU C 47 3.94 -26.75 -3.52
N GLU C 47 3.98 -26.77 -3.52
CA GLU C 47 5.04 -25.96 -4.14
CA GLU C 47 5.11 -26.00 -4.11
C GLU C 47 5.08 -24.58 -3.47
C GLU C 47 5.10 -24.61 -3.45
N PRO C 48 6.28 -24.04 -3.14
CA PRO C 48 6.37 -22.71 -2.52
C PRO C 48 5.54 -21.60 -3.21
N ARG C 49 5.49 -21.58 -4.54
CA ARG C 49 4.74 -20.57 -5.34
C ARG C 49 3.23 -20.71 -5.08
N ALA C 50 2.74 -21.94 -4.94
CA ALA C 50 1.31 -22.24 -4.71
C ALA C 50 0.91 -21.76 -3.31
N ILE C 51 1.75 -22.07 -2.33
CA ILE C 51 1.56 -21.69 -0.89
C ILE C 51 1.59 -20.16 -0.78
N ALA C 52 2.57 -19.49 -1.39
CA ALA C 52 2.71 -18.01 -1.34
C ALA C 52 1.47 -17.36 -1.96
N LEU C 53 1.02 -17.85 -3.13
CA LEU C 53 -0.17 -17.32 -3.83
C LEU C 53 -1.40 -17.46 -2.92
N ALA C 54 -1.65 -18.67 -2.41
CA ALA C 54 -2.84 -18.99 -1.58
C ALA C 54 -2.88 -18.04 -0.39
N THR C 55 -1.74 -17.76 0.24
CA THR C 55 -1.66 -16.89 1.44
C THR C 55 -2.12 -15.47 1.05
N ARG C 56 -1.55 -14.89 0.00
CA ARG C 56 -1.91 -13.54 -0.49
C ARG C 56 -3.40 -13.51 -0.85
N TRP C 57 -3.83 -14.54 -1.60
CA TRP C 57 -5.22 -14.70 -2.08
C TRP C 57 -6.17 -14.62 -0.88
N MET C 58 -5.95 -15.45 0.15
CA MET C 58 -6.88 -15.55 1.28
C MET C 58 -6.84 -14.26 2.10
N GLU C 59 -5.68 -13.62 2.23
CA GLU C 59 -5.57 -12.30 2.91
C GLU C 59 -6.42 -11.26 2.15
N GLN C 60 -6.39 -11.30 0.81
CA GLN C 60 -7.17 -10.37 -0.04
C GLN C 60 -8.67 -10.60 0.22
N LEU C 61 -9.09 -11.87 0.22
CA LEU C 61 -10.51 -12.30 0.42
C LEU C 61 -10.99 -11.82 1.79
N GLU C 62 -10.13 -11.91 2.81
CA GLU C 62 -10.42 -11.50 4.20
C GLU C 62 -10.75 -9.99 4.23
N GLN C 63 -9.94 -9.19 3.52
CA GLN C 63 -10.12 -7.73 3.38
C GLN C 63 -11.43 -7.43 2.61
N ASP C 64 -11.64 -8.10 1.48
CA ASP C 64 -12.71 -7.78 0.50
C ASP C 64 -14.09 -8.30 0.96
N THR C 65 -14.12 -9.12 2.02
CA THR C 65 -15.37 -9.57 2.70
C THR C 65 -15.55 -8.81 4.03
N ALA C 66 -14.68 -7.84 4.32
CA ALA C 66 -14.67 -7.02 5.55
C ALA C 66 -14.61 -7.92 6.79
N GLY C 67 -13.88 -9.04 6.71
CA GLY C 67 -13.72 -9.99 7.82
C GLY C 67 -15.03 -10.67 8.22
N ARG C 68 -16.03 -10.69 7.33
CA ARG C 68 -17.35 -11.32 7.59
C ARG C 68 -17.36 -12.70 6.93
N PRO C 69 -17.26 -13.78 7.72
CA PRO C 69 -17.14 -15.13 7.15
C PRO C 69 -18.38 -15.56 6.35
N GLU C 70 -19.58 -15.13 6.75
CA GLU C 70 -20.86 -15.48 6.09
C GLU C 70 -20.86 -14.96 4.64
N PHE C 71 -20.10 -13.90 4.35
CA PHE C 71 -19.99 -13.35 2.98
C PHE C 71 -19.10 -14.25 2.14
N LEU C 72 -18.17 -15.01 2.74
CA LEU C 72 -17.35 -15.97 1.98
C LEU C 72 -18.25 -17.06 1.42
N THR C 73 -19.10 -17.67 2.26
CA THR C 73 -20.07 -18.72 1.85
C THR C 73 -20.87 -18.22 0.65
N ARG C 74 -21.43 -17.02 0.78
N ARG C 74 -21.47 -17.02 0.74
CA ARG C 74 -22.32 -16.39 -0.23
CA ARG C 74 -22.35 -16.48 -0.32
C ARG C 74 -21.56 -16.23 -1.55
C ARG C 74 -21.55 -16.24 -1.59
N LEU C 75 -20.32 -15.74 -1.49
CA LEU C 75 -19.46 -15.48 -2.67
C LEU C 75 -19.10 -16.81 -3.34
N ASN C 76 -18.82 -17.85 -2.56
CA ASN C 76 -18.54 -19.21 -3.09
C ASN C 76 -19.79 -19.73 -3.82
N GLU C 77 -20.97 -19.55 -3.23
CA GLU C 77 -22.25 -20.02 -3.81
C GLU C 77 -22.54 -19.25 -5.10
N MET C 78 -22.29 -17.93 -5.11
CA MET C 78 -22.49 -17.06 -6.30
C MET C 78 -21.64 -17.58 -7.45
N HIS C 79 -20.36 -17.85 -7.17
N HIS C 79 -20.39 -17.90 -7.18
CA HIS C 79 -19.39 -18.36 -8.17
CA HIS C 79 -19.45 -18.31 -8.25
C HIS C 79 -19.87 -19.71 -8.74
C HIS C 79 -19.78 -19.74 -8.72
N ALA C 80 -20.45 -20.56 -7.90
CA ALA C 80 -20.97 -21.89 -8.32
C ALA C 80 -22.23 -21.69 -9.20
N ALA C 81 -23.10 -20.73 -8.86
CA ALA C 81 -24.48 -20.63 -9.39
C ALA C 81 -24.60 -19.62 -10.53
N GLU C 82 -23.73 -18.62 -10.62
CA GLU C 82 -23.90 -17.46 -11.53
C GLU C 82 -22.79 -17.42 -12.58
N PRO C 83 -23.08 -17.79 -13.85
CA PRO C 83 -22.11 -17.65 -14.95
C PRO C 83 -21.50 -16.25 -15.11
N GLN C 84 -22.28 -15.22 -14.78
CA GLN C 84 -21.87 -13.79 -14.81
C GLN C 84 -20.72 -13.53 -13.83
N MET C 85 -20.68 -14.22 -12.69
CA MET C 85 -19.63 -14.08 -11.65
C MET C 85 -18.30 -14.57 -12.22
N ARG C 86 -18.30 -15.75 -12.86
CA ARG C 86 -17.09 -16.39 -13.45
C ARG C 86 -16.53 -15.53 -14.58
N GLU C 87 -17.40 -14.88 -15.38
CA GLU C 87 -17.01 -13.94 -16.47
C GLU C 87 -16.31 -12.71 -15.87
N GLN C 88 -16.97 -12.06 -14.91
CA GLN C 88 -16.50 -10.83 -14.21
C GLN C 88 -15.10 -11.06 -13.60
N THR C 89 -14.88 -12.17 -12.88
CA THR C 89 -13.70 -12.38 -11.99
C THR C 89 -12.61 -13.26 -12.64
N GLY C 90 -12.97 -14.22 -13.48
CA GLY C 90 -12.02 -15.24 -13.99
C GLY C 90 -11.82 -16.39 -13.01
N VAL C 91 -12.44 -16.35 -11.83
CA VAL C 91 -12.30 -17.38 -10.75
C VAL C 91 -13.24 -18.55 -11.06
N THR C 92 -12.69 -19.76 -11.25
CA THR C 92 -13.45 -21.03 -11.51
C THR C 92 -13.49 -21.86 -10.25
N PRO C 93 -14.44 -22.83 -10.11
CA PRO C 93 -14.48 -23.70 -8.94
C PRO C 93 -13.20 -24.55 -8.79
N GLU C 94 -12.59 -24.94 -9.90
CA GLU C 94 -11.29 -25.67 -9.94
C GLU C 94 -10.22 -24.79 -9.29
N MET C 95 -10.26 -23.49 -9.56
CA MET C 95 -9.28 -22.50 -9.04
C MET C 95 -9.46 -22.34 -7.54
N ILE C 96 -10.71 -22.20 -7.07
CA ILE C 96 -11.02 -22.10 -5.62
C ILE C 96 -10.50 -23.36 -4.93
N ASP C 97 -10.66 -24.53 -5.55
CA ASP C 97 -10.23 -25.84 -5.00
C ASP C 97 -8.69 -25.88 -4.92
N PHE C 98 -8.01 -25.43 -5.98
CA PHE C 98 -6.53 -25.39 -6.03
C PHE C 98 -6.03 -24.51 -4.87
N ILE C 99 -6.61 -23.30 -4.75
CA ILE C 99 -6.24 -22.31 -3.68
C ILE C 99 -6.56 -22.92 -2.32
N THR C 100 -7.68 -23.62 -2.18
CA THR C 100 -8.09 -24.27 -0.91
C THR C 100 -7.02 -25.29 -0.49
N ARG C 101 -6.55 -26.13 -1.41
CA ARG C 101 -5.53 -27.17 -1.13
C ARG C 101 -4.16 -26.54 -0.85
N ALA C 102 -3.75 -25.53 -1.62
CA ALA C 102 -2.47 -24.82 -1.40
C ALA C 102 -2.51 -24.11 -0.04
N PHE C 103 -3.65 -23.53 0.33
CA PHE C 103 -3.81 -22.82 1.63
C PHE C 103 -3.66 -23.82 2.78
N ALA C 104 -4.28 -24.99 2.65
CA ALA C 104 -4.11 -26.11 3.60
C ALA C 104 -2.61 -26.47 3.74
N GLU C 105 -1.90 -26.57 2.62
CA GLU C 105 -0.45 -26.88 2.63
C GLU C 105 0.33 -25.80 3.39
N SER C 106 -0.10 -24.54 3.31
CA SER C 106 0.59 -23.41 3.99
C SER C 106 0.46 -23.60 5.51
N LYS C 107 -0.67 -24.13 5.99
CA LYS C 107 -0.89 -24.41 7.44
C LYS C 107 -0.10 -25.65 7.83
N LEU C 108 -0.17 -26.72 7.04
CA LEU C 108 0.51 -28.01 7.33
C LEU C 108 2.03 -27.81 7.36
N ALA C 109 2.58 -26.92 6.54
CA ALA C 109 4.04 -26.67 6.50
C ALA C 109 4.49 -26.04 7.83
N ILE C 110 3.66 -25.20 8.44
CA ILE C 110 3.95 -24.57 9.76
C ILE C 110 3.74 -25.63 10.85
N TRP C 111 2.62 -26.33 10.83
CA TRP C 111 2.31 -27.34 11.87
C TRP C 111 3.37 -28.42 11.92
N ALA C 112 4.03 -28.72 10.80
CA ALA C 112 5.11 -29.74 10.70
C ALA C 112 6.26 -29.43 11.69
N ARG C 113 6.42 -28.18 12.12
CA ARG C 113 7.48 -27.75 13.07
C ARG C 113 6.97 -27.83 14.51
N TYR C 114 5.70 -28.19 14.73
CA TYR C 114 5.09 -28.25 16.08
C TYR C 114 4.53 -29.64 16.38
N LEU C 115 4.13 -30.40 15.36
CA LEU C 115 3.51 -31.74 15.51
C LEU C 115 4.52 -32.83 15.17
N ASN C 116 4.36 -34.02 15.71
CA ASN C 116 5.10 -35.23 15.25
C ASN C 116 4.49 -35.70 13.93
N ALA C 117 5.18 -36.63 13.24
CA ALA C 117 4.79 -37.15 11.92
C ALA C 117 3.37 -37.73 11.96
N GLU C 118 3.03 -38.46 13.02
CA GLU C 118 1.71 -39.15 13.18
C GLU C 118 0.62 -38.08 13.29
N GLU C 119 0.81 -37.07 14.14
CA GLU C 119 -0.19 -35.99 14.36
C GLU C 119 -0.39 -35.22 13.07
N LEU C 120 0.69 -34.93 12.32
CA LEU C 120 0.60 -34.15 11.06
C LEU C 120 -0.16 -34.98 10.01
N ALA C 121 0.09 -36.28 9.95
CA ALA C 121 -0.56 -37.19 8.97
C ALA C 121 -2.07 -37.21 9.24
N PHE C 122 -2.46 -37.27 10.52
CA PHE C 122 -3.88 -37.26 10.94
C PHE C 122 -4.51 -35.93 10.50
N THR C 123 -3.85 -34.82 10.79
CA THR C 123 -4.38 -33.47 10.48
C THR C 123 -4.47 -33.27 8.97
N ARG C 124 -3.48 -33.73 8.20
CA ARG C 124 -3.53 -33.66 6.72
C ARG C 124 -4.75 -34.43 6.23
N GLN C 125 -5.01 -35.59 6.79
CA GLN C 125 -6.10 -36.51 6.34
C GLN C 125 -7.46 -35.87 6.66
N HIS C 126 -7.62 -35.24 7.83
CA HIS C 126 -8.95 -34.86 8.38
C HIS C 126 -9.21 -33.35 8.27
N TYR C 127 -8.26 -32.59 7.71
CA TYR C 127 -8.31 -31.11 7.58
C TYR C 127 -9.66 -30.67 6.97
N PHE C 128 -10.11 -31.33 5.90
CA PHE C 128 -11.27 -30.91 5.07
C PHE C 128 -12.59 -31.47 5.61
N ASP C 129 -12.57 -32.39 6.56
CA ASP C 129 -13.73 -33.20 6.99
C ASP C 129 -14.93 -32.30 7.32
N ARG C 130 -14.73 -31.30 8.17
N ARG C 130 -14.73 -31.33 8.21
CA ARG C 130 -15.79 -30.38 8.63
CA ARG C 130 -15.77 -30.37 8.66
C ARG C 130 -15.42 -28.93 8.31
C ARG C 130 -15.38 -28.93 8.34
N LEU C 131 -14.62 -28.71 7.26
CA LEU C 131 -14.10 -27.37 6.88
C LEU C 131 -15.28 -26.40 6.65
N MET C 132 -16.39 -26.89 6.11
CA MET C 132 -17.53 -26.04 5.67
C MET C 132 -18.27 -25.42 6.86
N GLU C 133 -18.12 -25.96 8.07
CA GLU C 133 -18.86 -25.51 9.28
C GLU C 133 -18.12 -24.36 9.98
N TRP C 134 -16.90 -24.01 9.55
CA TRP C 134 -16.05 -23.01 10.26
C TRP C 134 -16.62 -21.61 10.08
N PRO C 135 -17.05 -21.17 8.86
CA PRO C 135 -17.58 -19.82 8.68
C PRO C 135 -18.70 -19.46 9.68
N ALA C 136 -19.70 -20.33 9.84
CA ALA C 136 -20.84 -20.13 10.76
C ALA C 136 -20.31 -19.96 12.19
N LEU C 137 -19.35 -20.80 12.61
CA LEU C 137 -18.78 -20.72 13.98
C LEU C 137 -18.01 -19.41 14.12
N VAL C 138 -17.14 -19.08 13.17
CA VAL C 138 -16.29 -17.86 13.23
C VAL C 138 -17.21 -16.64 13.26
N ALA C 139 -18.31 -16.67 12.51
CA ALA C 139 -19.34 -15.60 12.50
C ALA C 139 -19.91 -15.42 13.92
N ASP C 140 -20.29 -16.53 14.57
CA ASP C 140 -20.90 -16.52 15.94
C ASP C 140 -19.88 -16.02 16.96
N LEU C 141 -18.61 -16.39 16.80
CA LEU C 141 -17.48 -15.90 17.65
C LEU C 141 -17.33 -14.37 17.45
N HIS C 142 -17.48 -13.88 16.22
CA HIS C 142 -17.43 -12.44 15.87
C HIS C 142 -18.60 -11.71 16.54
N ARG C 143 -19.80 -12.30 16.54
CA ARG C 143 -21.01 -11.74 17.20
C ARG C 143 -20.80 -11.70 18.72
N ALA C 144 -20.38 -12.82 19.31
CA ALA C 144 -20.13 -12.97 20.76
C ALA C 144 -19.13 -11.91 21.25
N CYS C 145 -18.12 -11.60 20.44
CA CYS C 145 -17.04 -10.62 20.75
C CYS C 145 -17.60 -9.19 20.72
N ARG C 146 -18.33 -8.85 19.66
CA ARG C 146 -18.95 -7.51 19.42
C ARG C 146 -20.04 -7.23 20.45
N GLU C 147 -20.87 -8.24 20.77
CA GLU C 147 -21.95 -8.17 21.79
C GLU C 147 -21.37 -8.37 23.20
N LYS C 148 -20.05 -8.24 23.35
CA LYS C 148 -19.28 -8.33 24.63
C LYS C 148 -19.94 -9.30 25.60
N ARG C 149 -20.32 -10.50 25.12
CA ARG C 149 -20.87 -11.60 25.95
C ARG C 149 -19.75 -12.13 26.84
N ASP C 150 -20.10 -12.81 27.94
CA ASP C 150 -19.13 -13.34 28.93
C ASP C 150 -18.64 -14.70 28.43
N PRO C 151 -17.31 -14.87 28.19
CA PRO C 151 -16.75 -16.17 27.84
C PRO C 151 -17.18 -17.31 28.79
N ALA C 152 -17.42 -16.99 30.07
CA ALA C 152 -17.77 -17.96 31.15
C ALA C 152 -19.28 -18.25 31.15
N SER C 153 -20.08 -17.50 30.39
CA SER C 153 -21.55 -17.68 30.30
C SER C 153 -21.87 -19.06 29.73
N PRO C 154 -23.11 -19.58 29.89
CA PRO C 154 -23.50 -20.83 29.22
C PRO C 154 -23.44 -20.73 27.68
N GLU C 155 -23.74 -19.56 27.12
CA GLU C 155 -23.76 -19.31 25.66
C GLU C 155 -22.32 -19.23 25.13
N GLY C 156 -21.43 -18.64 25.95
CA GLY C 156 -19.97 -18.61 25.70
C GLY C 156 -19.36 -20.00 25.71
N GLN C 157 -19.81 -20.85 26.62
CA GLN C 157 -19.33 -22.26 26.77
C GLN C 157 -19.91 -23.14 25.64
N GLN C 158 -21.08 -22.78 25.09
CA GLN C 158 -21.68 -23.47 23.91
C GLN C 158 -20.79 -23.23 22.69
N LEU C 159 -20.25 -22.03 22.53
CA LEU C 159 -19.32 -21.66 21.44
C LEU C 159 -17.99 -22.39 21.62
N ALA C 160 -17.45 -22.41 22.84
CA ALA C 160 -16.20 -23.11 23.20
C ALA C 160 -16.32 -24.60 22.84
N GLN C 161 -17.44 -25.24 23.17
CA GLN C 161 -17.72 -26.68 22.89
C GLN C 161 -17.84 -26.90 21.37
N ARG C 162 -18.49 -25.98 20.65
CA ARG C 162 -18.64 -26.05 19.18
C ARG C 162 -17.24 -25.91 18.55
N TRP C 163 -16.44 -24.97 19.06
CA TRP C 163 -15.03 -24.79 18.63
C TRP C 163 -14.28 -26.11 18.83
N LEU C 164 -14.37 -26.68 20.04
CA LEU C 164 -13.61 -27.89 20.42
C LEU C 164 -13.94 -29.04 19.45
N ALA C 165 -15.22 -29.20 19.10
CA ALA C 165 -15.68 -30.27 18.20
C ALA C 165 -15.04 -30.09 16.81
N LEU C 166 -15.06 -28.88 16.26
CA LEU C 166 -14.53 -28.64 14.90
C LEU C 166 -13.00 -28.80 14.92
N PHE C 167 -12.33 -28.23 15.92
CA PHE C 167 -10.87 -28.38 16.17
C PHE C 167 -10.50 -29.87 16.23
N GLN C 168 -11.17 -30.63 17.11
CA GLN C 168 -10.85 -32.07 17.29
C GLN C 168 -11.10 -32.84 15.99
N SER C 169 -11.97 -32.35 15.09
CA SER C 169 -12.25 -33.03 13.81
C SER C 169 -10.98 -33.10 12.96
N TYR C 170 -10.03 -32.15 13.11
CA TYR C 170 -8.76 -32.19 12.34
C TYR C 170 -7.54 -32.46 13.24
N ALA C 171 -7.57 -32.04 14.50
CA ALA C 171 -6.52 -32.32 15.50
C ALA C 171 -6.95 -33.65 16.10
N GLY C 172 -6.25 -34.35 16.98
CA GLY C 172 -6.93 -35.53 17.58
C GLY C 172 -7.94 -35.12 18.68
N LYS C 173 -8.27 -36.06 19.56
CA LYS C 173 -8.89 -35.77 20.88
C LYS C 173 -7.85 -35.87 22.01
N ASP C 174 -6.57 -35.96 21.66
CA ASP C 174 -5.46 -36.10 22.64
C ASP C 174 -5.11 -34.72 23.19
N ALA C 175 -5.12 -34.58 24.52
CA ALA C 175 -4.92 -33.29 25.24
C ALA C 175 -3.53 -32.75 24.91
N GLN C 176 -2.52 -33.61 24.79
CA GLN C 176 -1.12 -33.19 24.50
C GLN C 176 -1.05 -32.63 23.07
N THR C 177 -1.68 -33.27 22.09
CA THR C 177 -1.75 -32.76 20.70
C THR C 177 -2.37 -31.36 20.72
N GLN C 178 -3.45 -31.15 21.47
CA GLN C 178 -4.12 -29.84 21.54
C GLN C 178 -3.13 -28.78 22.06
N GLN C 179 -2.28 -29.13 23.04
CA GLN C 179 -1.27 -28.18 23.59
C GLN C 179 -0.26 -27.79 22.48
N LYS C 180 0.02 -28.71 21.56
CA LYS C 180 0.96 -28.43 20.45
C LYS C 180 0.34 -27.43 19.47
N PHE C 181 -0.96 -27.55 19.20
CA PHE C 181 -1.68 -26.60 18.31
C PHE C 181 -1.70 -25.24 18.99
N ARG C 182 -1.94 -25.20 20.31
CA ARG C 182 -1.91 -23.94 21.10
C ARG C 182 -0.52 -23.28 20.93
N TYR C 183 0.54 -24.04 21.18
CA TYR C 183 1.94 -23.55 21.11
C TYR C 183 2.22 -22.99 19.70
N ALA C 184 1.84 -23.73 18.67
CA ALA C 184 2.00 -23.33 17.25
C ALA C 184 1.36 -21.97 17.02
N MET C 185 0.11 -21.79 17.47
N MET C 185 0.11 -21.80 17.46
CA MET C 185 -0.65 -20.53 17.28
CA MET C 185 -0.68 -20.55 17.33
C MET C 185 0.10 -19.38 17.97
C MET C 185 0.04 -19.38 18.01
N GLU C 186 0.60 -19.62 19.20
CA GLU C 186 1.34 -18.62 20.01
C GLU C 186 2.59 -18.18 19.25
N GLN C 187 3.32 -19.14 18.66
CA GLN C 187 4.66 -18.90 18.07
C GLN C 187 4.55 -18.41 16.64
N GLU C 188 3.44 -18.70 15.94
N GLU C 188 3.45 -18.71 15.92
CA GLU C 188 3.29 -18.51 14.49
CA GLU C 188 3.36 -18.50 14.45
C GLU C 188 2.02 -17.75 14.18
C GLU C 188 2.08 -17.74 14.09
N PRO C 189 2.07 -16.40 14.22
CA PRO C 189 0.93 -15.57 13.83
C PRO C 189 0.41 -15.88 12.42
N HIS C 190 1.29 -16.31 11.52
CA HIS C 190 0.95 -16.59 10.10
C HIS C 190 -0.14 -17.66 10.00
N LEU C 191 -0.34 -18.46 11.04
CA LEU C 191 -1.39 -19.51 11.05
C LEU C 191 -2.77 -18.84 10.98
N MET C 192 -2.92 -17.66 11.57
CA MET C 192 -4.22 -16.93 11.64
C MET C 192 -4.57 -16.29 10.29
N LYS C 193 -3.60 -16.09 9.39
CA LYS C 193 -3.83 -15.39 8.10
C LYS C 193 -4.89 -16.15 7.30
N GLY C 194 -5.90 -15.44 6.80
CA GLY C 194 -6.98 -15.96 5.94
C GLY C 194 -7.90 -16.92 6.67
N THR C 195 -8.09 -16.73 7.98
CA THR C 195 -9.00 -17.55 8.83
C THR C 195 -10.20 -16.74 9.35
N TRP C 196 -10.27 -15.45 9.05
CA TRP C 196 -11.36 -14.53 9.50
C TRP C 196 -11.33 -14.41 11.04
N MET C 197 -10.20 -14.74 11.67
CA MET C 197 -10.01 -14.74 13.13
C MET C 197 -9.13 -13.54 13.51
N THR C 198 -9.73 -12.44 13.96
CA THR C 198 -9.03 -11.23 14.47
C THR C 198 -8.46 -11.55 15.87
N SER C 199 -7.36 -10.89 16.26
CA SER C 199 -6.69 -10.99 17.58
C SER C 199 -7.71 -10.80 18.71
N GLU C 200 -8.65 -9.86 18.53
CA GLU C 200 -9.78 -9.58 19.44
C GLU C 200 -10.59 -10.86 19.68
N VAL C 201 -11.01 -11.54 18.61
CA VAL C 201 -11.91 -12.73 18.66
C VAL C 201 -11.13 -13.94 19.20
N LEU C 202 -9.87 -14.11 18.78
CA LEU C 202 -8.98 -15.18 19.29
C LEU C 202 -8.86 -15.05 20.81
N SER C 203 -8.57 -13.84 21.30
CA SER C 203 -8.45 -13.51 22.75
C SER C 203 -9.71 -13.95 23.50
N TRP C 204 -10.90 -13.58 22.98
CA TRP C 204 -12.22 -13.98 23.54
C TRP C 204 -12.34 -15.50 23.58
N LEU C 205 -11.99 -16.18 22.48
CA LEU C 205 -12.08 -17.66 22.35
C LEU C 205 -11.14 -18.31 23.37
N GLN C 206 -9.93 -17.76 23.52
CA GLN C 206 -8.90 -18.26 24.46
C GLN C 206 -9.48 -18.27 25.89
N GLN C 207 -10.20 -17.20 26.27
CA GLN C 207 -10.84 -17.10 27.61
C GLN C 207 -11.89 -18.21 27.76
N ALA C 208 -12.78 -18.34 26.76
CA ALA C 208 -13.87 -19.34 26.73
C ALA C 208 -13.30 -20.76 26.89
N ILE C 209 -12.20 -21.05 26.18
CA ILE C 209 -11.52 -22.38 26.21
C ILE C 209 -10.92 -22.58 27.61
N GLY C 210 -10.29 -21.53 28.16
CA GLY C 210 -9.72 -21.56 29.52
C GLY C 210 -10.74 -22.04 30.53
N VAL C 211 -11.93 -21.43 30.52
CA VAL C 211 -13.06 -21.74 31.45
C VAL C 211 -13.46 -23.20 31.26
N MET C 212 -13.66 -23.61 30.00
CA MET C 212 -14.12 -24.97 29.61
C MET C 212 -13.20 -26.03 30.20
N MET C 213 -11.88 -25.84 30.08
CA MET C 213 -10.85 -26.84 30.46
C MET C 213 -10.83 -27.03 31.98
N ARG C 214 -11.02 -25.93 32.73
CA ARG C 214 -10.90 -25.90 34.21
C ARG C 214 -12.19 -26.42 34.87
N GLN C 215 -13.34 -26.27 34.20
CA GLN C 215 -14.65 -26.83 34.64
C GLN C 215 -14.78 -28.26 34.12
N ALA C 216 -14.32 -29.24 34.91
CA ALA C 216 -14.18 -30.67 34.54
C ALA C 216 -13.24 -30.79 33.33
#